data_5G0J
#
_entry.id   5G0J
#
_cell.length_a   187.224
_cell.length_b   187.224
_cell.length_c   102.718
_cell.angle_alpha   90.00
_cell.angle_beta   90.00
_cell.angle_gamma   120.00
#
_symmetry.space_group_name_H-M   'P 32 2 1'
#
loop_
_entity.id
_entity.type
_entity.pdbx_description
1 polymer HDAC6
2 non-polymer 'CHLORIDE ION'
3 non-polymer 'ZINC ION'
4 non-polymer 'POTASSIUM ION'
5 non-polymer 'NEXTURASTAT A'
6 water water
#
_entity_poly.entity_id   1
_entity_poly.type   'polypeptide(L)'
_entity_poly.pdbx_seq_one_letter_code
;GPKAEEEMSNELQNLDVQGKSKATGTGLVYVDAFTRFHCLWDASHPECPARVSTVMEMLETEGLLGRCVQVEARAVTEDE
LLLVHTKEYVELMKSTQNMTEEELKTLAEKYDSVYLHPGFFSSACLSVGSVLQLVDKVMTSQLRNGFSINRPPGHHAQAD
KMNGFCMFNNLAIAARYAQKRHRVQRVLIVDWDVHHGQGIQYIFEEDPSVLYFSVHRYEDGSFWPHLKESDSSSVGSGAG
QGYNINLPWNKVGMESGDYITAFQQLLLPVAYEFQPQLVLVAAGFDAVIGDPKGGMQVSPECFSILTHMLKGVAQGRLVL
ALEGGYNLQSTAEGVCASMRSLLGDPCPHLPSSGAPCESALKSISKTISDLYPFWKSLQTFEGGPLSEVSPLPAPVCAEV
KVSSPITGLVYDQRMMLHHNMWDSHHPELPQRISRIFSRHEELRLLSRCHRIPARLATEEELALCHSSKHISIIKSSEHM
KPRDLNRLGDEYNSIFISNESYTCALLAAGSCFNSAQAILTGQVRNAVAIVRPPGHHAEKDTACGFCFFNTAALTARYAQ
SITRESLRVLIVDWDVHHGNGTQHIFEEDDSVLYISLHRYEDGAFFPNSEDANYDKVGLGKGRGYNVNIPWNGGKMGDPE
YMAAFHHLVMPIAREFAPELVLVSAGFDAARGDPLGGFQVTPEGYAHLTHQLMSLAAGRVLIILEGGYNLTSISESMSMC
TSMLLGDSPPSLDHLTPLKTSATVSINNVLRAHAPFWSSLRVNIPESLRLSLPSPKPKGKCTPGGKGKKSPRQS
;
_entity_poly.pdbx_strand_id   A
#
loop_
_chem_comp.id
_chem_comp.type
_chem_comp.name
_chem_comp.formula
CL non-polymer 'CHLORIDE ION' 'Cl -1'
K non-polymer 'POTASSIUM ION' 'K 1'
N4R non-polymer 'NEXTURASTAT A' 'C19 H23 N3 O3'
ZN non-polymer 'ZINC ION' 'Zn 2'
#
# COMPACT_ATOMS: atom_id res chain seq x y z
N VAL A 17 22.94 3.39 7.69
CA VAL A 17 24.33 3.59 8.16
C VAL A 17 25.12 4.55 7.18
N GLN A 18 24.72 4.56 5.86
CA GLN A 18 25.27 5.37 4.75
C GLN A 18 24.10 5.89 3.89
N GLY A 19 24.01 7.21 3.77
CA GLY A 19 22.92 7.87 3.08
C GLY A 19 23.31 8.60 1.82
N LYS A 20 24.60 8.96 1.67
CA LYS A 20 25.06 9.62 0.44
C LYS A 20 24.99 8.59 -0.70
N SER A 21 25.27 7.31 -0.38
CA SER A 21 25.23 6.15 -1.29
C SER A 21 23.83 5.66 -1.61
N LYS A 22 22.82 5.95 -0.75
CA LYS A 22 21.41 5.53 -0.90
C LYS A 22 20.85 5.78 -2.29
N ALA A 23 20.16 4.77 -2.85
CA ALA A 23 19.54 4.88 -4.16
C ALA A 23 18.15 5.49 -3.98
N THR A 24 18.02 6.65 -4.56
CA THR A 24 16.81 7.49 -4.58
C THR A 24 16.78 7.95 -6.03
N GLY A 25 15.67 8.40 -6.54
CA GLY A 25 15.81 8.83 -7.91
C GLY A 25 15.30 7.88 -8.94
N THR A 26 14.47 8.45 -9.79
CA THR A 26 13.70 7.82 -10.84
C THR A 26 14.38 8.10 -12.14
N GLY A 27 14.62 7.04 -12.88
CA GLY A 27 15.17 7.13 -14.22
C GLY A 27 14.03 7.25 -15.19
N LEU A 28 14.27 7.95 -16.28
CA LEU A 28 13.26 8.10 -17.30
C LEU A 28 13.99 7.92 -18.62
N VAL A 29 13.44 7.05 -19.49
CA VAL A 29 14.04 6.85 -20.82
C VAL A 29 13.10 7.35 -21.87
N TYR A 30 13.58 8.24 -22.72
CA TYR A 30 12.83 8.70 -23.87
C TYR A 30 13.79 9.13 -24.94
N VAL A 31 13.51 8.69 -26.17
CA VAL A 31 14.30 9.03 -27.35
C VAL A 31 13.38 9.39 -28.47
N ASP A 32 13.82 10.32 -29.36
CA ASP A 32 13.01 10.72 -30.51
C ASP A 32 12.67 9.56 -31.44
N ALA A 33 13.53 8.50 -31.41
CA ALA A 33 13.38 7.24 -32.15
C ALA A 33 11.96 6.66 -32.04
N PHE A 34 11.35 6.82 -30.86
CA PHE A 34 10.00 6.36 -30.55
C PHE A 34 8.91 7.05 -31.38
N THR A 35 9.21 8.17 -32.05
CA THR A 35 8.20 8.87 -32.85
C THR A 35 8.42 8.70 -34.34
N ARG A 36 9.55 8.10 -34.73
CA ARG A 36 10.01 7.91 -36.11
C ARG A 36 9.20 6.90 -36.96
N PHE A 37 8.34 6.06 -36.32
CA PHE A 37 7.50 5.09 -37.02
C PHE A 37 5.99 5.30 -36.75
N HIS A 38 5.14 4.92 -37.70
CA HIS A 38 3.67 5.04 -37.64
C HIS A 38 2.98 4.18 -38.72
N CYS A 39 1.64 4.15 -38.73
CA CYS A 39 0.88 3.40 -39.72
C CYS A 39 0.73 4.19 -41.00
N LEU A 40 1.23 3.63 -42.12
CA LEU A 40 1.24 4.25 -43.46
C LEU A 40 -0.07 4.13 -44.22
N TRP A 41 -0.84 3.08 -43.92
CA TRP A 41 -2.11 2.86 -44.57
C TRP A 41 -3.29 3.52 -43.85
N ASP A 42 -3.16 3.82 -42.52
CA ASP A 42 -4.24 4.45 -41.74
C ASP A 42 -3.72 5.58 -40.86
N ALA A 43 -3.96 6.81 -41.32
CA ALA A 43 -3.59 8.08 -40.68
C ALA A 43 -4.23 8.27 -39.28
N SER A 44 -5.25 7.44 -38.97
CA SER A 44 -6.00 7.48 -37.72
C SER A 44 -5.79 6.23 -36.86
N HIS A 45 -4.59 5.61 -36.93
CA HIS A 45 -4.32 4.42 -36.13
C HIS A 45 -4.07 4.80 -34.65
N PRO A 46 -4.69 4.11 -33.65
CA PRO A 46 -4.49 4.49 -32.25
C PRO A 46 -3.05 4.47 -31.75
N GLU A 47 -2.22 3.54 -32.26
CA GLU A 47 -0.83 3.47 -31.88
C GLU A 47 -0.05 4.42 -32.78
N CYS A 48 0.30 5.58 -32.23
CA CYS A 48 0.95 6.60 -33.04
C CYS A 48 2.01 7.35 -32.26
N PRO A 49 2.82 8.22 -32.94
CA PRO A 49 3.84 9.01 -32.23
C PRO A 49 3.29 10.01 -31.19
N ALA A 50 2.09 10.57 -31.45
CA ALA A 50 1.51 11.55 -30.53
C ALA A 50 1.30 11.01 -29.10
N ARG A 51 1.25 9.67 -28.94
CA ARG A 51 1.07 8.99 -27.66
C ARG A 51 2.20 9.36 -26.72
N VAL A 52 3.44 9.18 -27.18
CA VAL A 52 4.64 9.41 -26.37
C VAL A 52 5.03 10.89 -26.27
N SER A 53 4.89 11.67 -27.36
CA SER A 53 5.22 13.09 -27.34
C SER A 53 4.30 13.83 -26.34
N THR A 54 2.99 13.51 -26.32
CA THR A 54 2.03 14.10 -25.37
C THR A 54 2.43 13.76 -23.94
N VAL A 55 2.84 12.51 -23.70
CA VAL A 55 3.27 12.14 -22.35
C VAL A 55 4.43 13.04 -21.92
N MET A 56 5.37 13.29 -22.84
CA MET A 56 6.53 14.12 -22.55
C MET A 56 6.17 15.57 -22.32
N GLU A 57 5.24 16.13 -23.14
CA GLU A 57 4.75 17.50 -23.02
C GLU A 57 4.19 17.70 -21.62
N MET A 58 3.31 16.76 -21.16
CA MET A 58 2.70 16.87 -19.85
C MET A 58 3.68 16.72 -18.71
N LEU A 59 4.57 15.74 -18.79
CA LEU A 59 5.58 15.54 -17.76
C LEU A 59 6.38 16.81 -17.57
N GLU A 60 6.58 17.63 -18.63
CA GLU A 60 7.30 18.88 -18.46
C GLU A 60 6.41 19.94 -17.84
N THR A 61 5.20 20.08 -18.37
CA THR A 61 4.19 21.02 -17.93
C THR A 61 3.92 20.89 -16.41
N GLU A 62 3.99 19.65 -15.89
CA GLU A 62 3.77 19.27 -14.51
C GLU A 62 4.99 19.43 -13.65
N GLY A 63 6.15 19.59 -14.28
CA GLY A 63 7.42 19.73 -13.57
C GLY A 63 8.01 18.42 -13.13
N LEU A 64 7.46 17.32 -13.66
CA LEU A 64 7.90 15.96 -13.33
C LEU A 64 9.16 15.56 -14.11
N LEU A 65 9.29 15.98 -15.36
CA LEU A 65 10.42 15.66 -16.21
C LEU A 65 11.78 16.06 -15.58
N GLY A 66 11.94 17.30 -15.15
CA GLY A 66 13.17 17.75 -14.53
C GLY A 66 13.59 17.04 -13.26
N ARG A 67 12.60 16.44 -12.56
CA ARG A 67 12.79 15.68 -11.33
C ARG A 67 13.29 14.26 -11.60
N CYS A 68 13.32 13.82 -12.88
CA CYS A 68 13.78 12.50 -13.27
C CYS A 68 15.19 12.48 -13.78
N VAL A 69 15.96 11.47 -13.34
CA VAL A 69 17.32 11.23 -13.79
C VAL A 69 17.18 10.75 -15.21
N GLN A 70 17.92 11.37 -16.12
CA GLN A 70 17.86 11.00 -17.53
C GLN A 70 18.74 9.76 -17.77
N VAL A 71 18.13 8.69 -18.30
CA VAL A 71 18.77 7.41 -18.61
C VAL A 71 18.72 7.21 -20.11
N GLU A 72 19.89 6.96 -20.71
CA GLU A 72 20.06 6.80 -22.16
C GLU A 72 19.44 5.49 -22.64
N ALA A 73 18.91 5.52 -23.87
CA ALA A 73 18.34 4.32 -24.51
C ALA A 73 19.44 3.59 -25.28
N ARG A 74 19.41 2.27 -25.25
CA ARG A 74 20.36 1.44 -25.99
C ARG A 74 19.56 0.43 -26.82
N ALA A 75 20.14 -0.03 -27.96
CA ALA A 75 19.50 -1.02 -28.83
C ALA A 75 19.64 -2.41 -28.20
N VAL A 76 18.63 -3.24 -28.37
CA VAL A 76 18.69 -4.59 -27.84
C VAL A 76 19.61 -5.43 -28.78
N THR A 77 20.31 -6.44 -28.22
CA THR A 77 21.19 -7.29 -29.05
C THR A 77 20.43 -8.53 -29.48
N GLU A 78 20.87 -9.15 -30.59
CA GLU A 78 20.28 -10.38 -31.09
C GLU A 78 20.18 -11.45 -29.94
N ASP A 79 21.23 -11.61 -29.11
CA ASP A 79 21.22 -12.60 -28.01
C ASP A 79 20.23 -12.27 -26.93
N GLU A 80 20.02 -10.97 -26.65
CA GLU A 80 19.05 -10.50 -25.67
C GLU A 80 17.63 -10.83 -26.20
N LEU A 81 17.38 -10.54 -27.49
CA LEU A 81 16.10 -10.86 -28.13
C LEU A 81 15.80 -12.35 -28.09
N LEU A 82 16.85 -13.19 -28.30
CA LEU A 82 16.74 -14.66 -28.36
C LEU A 82 16.46 -15.33 -27.01
N LEU A 83 16.40 -14.56 -25.91
CA LEU A 83 16.07 -15.10 -24.59
C LEU A 83 14.57 -15.45 -24.55
N VAL A 84 13.79 -14.88 -25.49
CA VAL A 84 12.34 -15.03 -25.58
C VAL A 84 11.86 -15.35 -27.04
N HIS A 85 12.53 -14.76 -28.03
CA HIS A 85 12.21 -14.91 -29.44
C HIS A 85 13.09 -15.97 -30.18
N THR A 86 12.65 -16.37 -31.39
CA THR A 86 13.32 -17.33 -32.26
C THR A 86 14.20 -16.55 -33.26
N LYS A 87 15.24 -17.19 -33.81
CA LYS A 87 16.13 -16.54 -34.77
C LYS A 87 15.45 -16.26 -36.12
N GLU A 88 14.53 -17.16 -36.51
CA GLU A 88 13.76 -17.07 -37.75
C GLU A 88 12.88 -15.80 -37.66
N TYR A 89 12.20 -15.61 -36.50
CA TYR A 89 11.37 -14.45 -36.20
C TYR A 89 12.18 -13.17 -36.23
N VAL A 90 13.26 -13.14 -35.43
CA VAL A 90 14.17 -12.00 -35.32
C VAL A 90 14.69 -11.56 -36.70
N GLU A 91 15.14 -12.51 -37.53
CA GLU A 91 15.68 -12.18 -38.84
C GLU A 91 14.62 -11.63 -39.79
N LEU A 92 13.40 -12.19 -39.75
CA LEU A 92 12.28 -11.70 -40.56
C LEU A 92 12.01 -10.25 -40.18
N MET A 93 11.91 -10.00 -38.85
CA MET A 93 11.70 -8.67 -38.29
C MET A 93 12.84 -7.74 -38.70
N LYS A 94 14.09 -8.22 -38.64
CA LYS A 94 15.25 -7.45 -39.05
C LYS A 94 15.15 -7.06 -40.55
N SER A 95 14.61 -7.97 -41.40
CA SER A 95 14.47 -7.79 -42.85
C SER A 95 13.47 -6.70 -43.31
N THR A 96 12.51 -6.32 -42.42
CA THR A 96 11.47 -5.31 -42.66
C THR A 96 12.05 -3.93 -42.96
N GLN A 97 13.26 -3.66 -42.46
CA GLN A 97 14.03 -2.42 -42.62
C GLN A 97 14.13 -1.96 -44.07
N ASN A 98 14.24 -2.93 -44.99
CA ASN A 98 14.42 -2.72 -46.43
C ASN A 98 13.30 -3.39 -47.26
N MET A 99 12.05 -2.98 -46.99
CA MET A 99 10.84 -3.50 -47.65
C MET A 99 9.97 -2.35 -48.13
N THR A 100 9.26 -2.58 -49.24
CA THR A 100 8.35 -1.59 -49.82
C THR A 100 7.08 -1.54 -48.98
N GLU A 101 6.34 -0.40 -49.03
CA GLU A 101 5.09 -0.26 -48.28
C GLU A 101 4.24 -1.53 -48.46
N GLU A 102 4.17 -2.02 -49.74
CA GLU A 102 3.43 -3.22 -50.15
C GLU A 102 3.93 -4.50 -49.46
N GLU A 103 5.27 -4.73 -49.50
CA GLU A 103 5.91 -5.89 -48.87
C GLU A 103 5.52 -5.96 -47.41
N LEU A 104 5.65 -4.78 -46.71
CA LEU A 104 5.32 -4.56 -45.29
C LEU A 104 3.85 -4.86 -44.99
N LYS A 105 2.93 -4.35 -45.83
CA LYS A 105 1.48 -4.58 -45.65
C LYS A 105 1.15 -6.06 -45.72
N THR A 106 1.73 -6.77 -46.73
CA THR A 106 1.54 -8.21 -46.97
C THR A 106 1.98 -9.05 -45.76
N LEU A 107 3.11 -8.64 -45.15
CA LEU A 107 3.66 -9.28 -43.96
C LEU A 107 2.79 -8.95 -42.74
N ALA A 108 2.41 -7.66 -42.59
CA ALA A 108 1.60 -7.16 -41.48
C ALA A 108 0.27 -7.91 -41.39
N GLU A 109 -0.36 -8.15 -42.59
CA GLU A 109 -1.63 -8.87 -42.81
C GLU A 109 -1.60 -10.27 -42.18
N LYS A 110 -0.42 -10.90 -42.19
CA LYS A 110 -0.18 -12.22 -41.65
C LYS A 110 -0.35 -12.30 -40.11
N TYR A 111 -0.53 -11.15 -39.40
CA TYR A 111 -0.73 -11.17 -37.94
C TYR A 111 -1.94 -10.37 -37.48
N ASP A 112 -2.46 -10.75 -36.27
CA ASP A 112 -3.61 -10.14 -35.59
C ASP A 112 -3.29 -8.73 -35.11
N SER A 113 -4.02 -7.72 -35.65
CA SER A 113 -3.94 -6.29 -35.30
C SER A 113 -2.50 -5.76 -35.24
N VAL A 114 -1.85 -5.69 -36.42
CA VAL A 114 -0.48 -5.21 -36.51
C VAL A 114 -0.25 -4.37 -37.75
N TYR A 115 0.58 -3.33 -37.64
CA TYR A 115 1.06 -2.54 -38.78
C TYR A 115 2.58 -2.56 -38.74
N LEU A 116 3.23 -2.32 -39.91
CA LEU A 116 4.68 -2.25 -40.01
C LEU A 116 5.14 -0.98 -40.72
N HIS A 117 6.40 -0.60 -40.47
CA HIS A 117 7.02 0.62 -41.00
C HIS A 117 8.51 0.36 -41.20
N PRO A 118 9.15 0.94 -42.25
CA PRO A 118 10.61 0.79 -42.41
C PRO A 118 11.40 0.95 -41.09
N GLY A 119 11.05 1.98 -40.30
CA GLY A 119 11.68 2.31 -39.02
C GLY A 119 11.14 1.58 -37.79
N PHE A 120 10.17 0.71 -37.97
CA PHE A 120 9.59 -0.03 -36.86
C PHE A 120 10.62 -0.87 -36.13
N PHE A 121 11.58 -1.49 -36.87
CA PHE A 121 12.58 -2.36 -36.25
C PHE A 121 13.48 -1.64 -35.26
N SER A 122 14.09 -0.55 -35.73
CA SER A 122 14.98 0.33 -34.98
C SER A 122 14.36 0.69 -33.63
N SER A 123 13.13 1.27 -33.67
CA SER A 123 12.36 1.71 -32.53
C SER A 123 11.97 0.60 -31.61
N ALA A 124 11.64 -0.57 -32.17
CA ALA A 124 11.27 -1.70 -31.33
C ALA A 124 12.48 -2.18 -30.52
N CYS A 125 13.69 -2.12 -31.11
CA CYS A 125 14.96 -2.47 -30.47
C CYS A 125 15.27 -1.55 -29.30
N LEU A 126 15.17 -0.22 -29.54
CA LEU A 126 15.36 0.83 -28.54
C LEU A 126 14.30 0.75 -27.45
N SER A 127 13.06 0.37 -27.83
CA SER A 127 11.95 0.16 -26.91
C SER A 127 12.31 -0.98 -25.94
N VAL A 128 13.06 -1.99 -26.40
CA VAL A 128 13.43 -3.10 -25.51
C VAL A 128 14.60 -2.67 -24.63
N GLY A 129 15.64 -2.15 -25.28
CA GLY A 129 16.88 -1.68 -24.65
C GLY A 129 16.64 -0.73 -23.51
N SER A 130 15.76 0.27 -23.75
CA SER A 130 15.35 1.26 -22.77
C SER A 130 14.93 0.57 -21.50
N VAL A 131 14.15 -0.51 -21.57
CA VAL A 131 13.74 -1.20 -20.34
C VAL A 131 14.94 -1.82 -19.63
N LEU A 132 15.80 -2.53 -20.38
CA LEU A 132 17.03 -3.17 -19.89
C LEU A 132 17.94 -2.14 -19.18
N GLN A 133 18.10 -0.93 -19.78
CA GLN A 133 18.85 0.19 -19.21
C GLN A 133 18.34 0.59 -17.82
N LEU A 134 17.01 0.58 -17.63
CA LEU A 134 16.42 0.88 -16.33
C LEU A 134 16.64 -0.28 -15.36
N VAL A 135 16.50 -1.54 -15.84
CA VAL A 135 16.72 -2.74 -15.04
C VAL A 135 18.15 -2.69 -14.48
N ASP A 136 19.13 -2.29 -15.34
CA ASP A 136 20.54 -2.13 -14.98
C ASP A 136 20.70 -1.22 -13.75
N LYS A 137 20.29 0.06 -13.89
CA LYS A 137 20.35 1.11 -12.87
C LYS A 137 19.61 0.72 -11.57
N VAL A 138 18.48 0.00 -11.69
CA VAL A 138 17.70 -0.34 -10.50
C VAL A 138 18.38 -1.48 -9.74
N MET A 139 18.78 -2.54 -10.48
CA MET A 139 19.43 -3.74 -9.95
C MET A 139 20.83 -3.48 -9.36
N THR A 140 21.57 -2.56 -9.97
CA THR A 140 22.88 -2.15 -9.46
C THR A 140 22.80 -1.02 -8.42
N SER A 141 21.65 -0.89 -7.70
CA SER A 141 21.38 0.11 -6.66
C SER A 141 21.79 1.56 -7.02
N GLN A 142 21.76 1.92 -8.31
CA GLN A 142 22.13 3.24 -8.81
C GLN A 142 20.96 4.20 -8.68
N LEU A 143 19.75 3.77 -9.11
CA LEU A 143 18.47 4.49 -9.03
C LEU A 143 17.50 3.63 -8.22
N ARG A 144 16.40 4.18 -7.60
CA ARG A 144 15.51 3.30 -6.84
C ARG A 144 14.45 2.64 -7.71
N ASN A 145 14.00 3.34 -8.77
CA ASN A 145 12.98 2.89 -9.70
C ASN A 145 13.15 3.66 -11.01
N GLY A 146 12.27 3.43 -11.98
CA GLY A 146 12.37 4.04 -13.29
C GLY A 146 11.15 3.77 -14.15
N PHE A 147 11.01 4.51 -15.27
CA PHE A 147 9.85 4.41 -16.14
C PHE A 147 10.29 4.74 -17.54
N SER A 148 10.02 3.84 -18.52
CA SER A 148 10.34 4.22 -19.89
C SER A 148 9.08 4.66 -20.63
N ILE A 149 9.21 5.75 -21.39
CA ILE A 149 8.11 6.30 -22.17
C ILE A 149 8.36 5.78 -23.58
N ASN A 150 8.15 4.47 -23.73
CA ASN A 150 8.47 3.73 -24.94
C ASN A 150 7.31 3.26 -25.73
N ARG A 151 7.54 3.24 -27.05
CA ARG A 151 6.70 2.69 -28.10
C ARG A 151 7.66 2.14 -29.21
N PRO A 152 7.37 0.97 -29.83
CA PRO A 152 6.13 0.16 -29.75
C PRO A 152 5.96 -0.60 -28.46
N PRO A 153 4.70 -0.97 -28.09
CA PRO A 153 4.52 -1.75 -26.85
C PRO A 153 5.03 -3.20 -26.98
N GLY A 154 4.94 -3.98 -25.88
CA GLY A 154 5.48 -5.33 -25.89
C GLY A 154 4.61 -6.52 -25.53
N HIS A 155 3.83 -6.44 -24.42
CA HIS A 155 3.06 -7.51 -23.80
C HIS A 155 2.30 -8.47 -24.75
N HIS A 156 1.95 -8.09 -25.99
CA HIS A 156 1.25 -9.04 -26.87
C HIS A 156 2.16 -9.87 -27.72
N ALA A 157 3.35 -9.37 -28.09
CA ALA A 157 4.35 -10.09 -28.89
C ALA A 157 4.66 -11.47 -28.30
N GLN A 158 4.85 -12.45 -29.21
CA GLN A 158 5.12 -13.85 -28.91
C GLN A 158 6.47 -14.25 -29.54
N ALA A 159 7.02 -15.43 -29.14
CA ALA A 159 8.32 -15.96 -29.62
C ALA A 159 8.54 -15.86 -31.11
N ASP A 160 7.50 -16.22 -31.92
CA ASP A 160 7.57 -16.28 -33.39
C ASP A 160 6.59 -15.38 -34.16
N LYS A 161 5.88 -14.46 -33.48
CA LYS A 161 4.93 -13.58 -34.17
C LYS A 161 4.64 -12.22 -33.47
N MET A 162 4.31 -11.20 -34.30
CA MET A 162 3.84 -9.85 -33.96
C MET A 162 2.38 -9.98 -33.54
N ASN A 163 1.86 -9.08 -32.69
CA ASN A 163 0.46 -9.16 -32.25
C ASN A 163 0.08 -7.94 -31.44
N GLY A 164 -1.13 -7.43 -31.68
CA GLY A 164 -1.70 -6.29 -30.98
C GLY A 164 -0.82 -5.07 -30.83
N PHE A 165 -0.24 -4.62 -31.96
CA PHE A 165 0.67 -3.46 -32.13
C PHE A 165 2.10 -3.69 -31.56
N CYS A 166 2.43 -4.90 -31.04
CA CYS A 166 3.76 -5.24 -30.49
C CYS A 166 4.64 -6.04 -31.47
N MET A 167 5.98 -5.74 -31.49
CA MET A 167 6.93 -6.53 -32.28
C MET A 167 7.69 -7.51 -31.35
N PHE A 168 8.44 -6.99 -30.37
CA PHE A 168 9.17 -7.78 -29.37
C PHE A 168 8.57 -7.54 -28.01
N ASN A 169 8.60 -8.58 -27.15
CA ASN A 169 8.01 -8.53 -25.82
C ASN A 169 9.00 -7.97 -24.79
N ASN A 170 9.03 -6.60 -24.69
CA ASN A 170 9.89 -5.77 -23.84
C ASN A 170 10.03 -6.30 -22.43
N LEU A 171 8.92 -6.47 -21.72
CA LEU A 171 9.00 -6.91 -20.33
C LEU A 171 9.37 -8.39 -20.14
N ALA A 172 9.15 -9.24 -21.17
CA ALA A 172 9.50 -10.65 -21.08
C ALA A 172 11.01 -10.73 -21.19
N ILE A 173 11.58 -10.05 -22.22
CA ILE A 173 13.01 -9.94 -22.44
C ILE A 173 13.67 -9.41 -21.16
N ALA A 174 13.11 -8.33 -20.57
CA ALA A 174 13.61 -7.72 -19.33
C ALA A 174 13.59 -8.66 -18.14
N ALA A 175 12.55 -9.49 -17.99
CA ALA A 175 12.46 -10.45 -16.88
C ALA A 175 13.62 -11.45 -16.94
N ARG A 176 13.94 -11.98 -18.15
CA ARG A 176 15.00 -12.96 -18.42
C ARG A 176 16.34 -12.33 -18.18
N TYR A 177 16.58 -11.16 -18.83
CA TYR A 177 17.79 -10.35 -18.70
C TYR A 177 18.14 -10.09 -17.23
N ALA A 178 17.13 -9.82 -16.39
CA ALA A 178 17.33 -9.62 -14.97
C ALA A 178 17.90 -10.88 -14.35
N GLN A 179 17.27 -12.05 -14.61
CA GLN A 179 17.69 -13.36 -14.11
C GLN A 179 19.07 -13.76 -14.60
N LYS A 180 19.37 -13.48 -15.88
CA LYS A 180 20.64 -13.81 -16.48
C LYS A 180 21.76 -12.90 -16.00
N ARG A 181 21.76 -11.62 -16.43
CA ARG A 181 22.82 -10.65 -16.17
C ARG A 181 22.82 -10.01 -14.77
N HIS A 182 21.77 -10.17 -13.93
CA HIS A 182 21.77 -9.60 -12.55
C HIS A 182 21.45 -10.68 -11.56
N ARG A 183 21.44 -11.94 -12.04
CA ARG A 183 21.17 -13.15 -11.27
C ARG A 183 20.03 -12.93 -10.27
N VAL A 184 18.85 -12.64 -10.84
CA VAL A 184 17.62 -12.39 -10.13
C VAL A 184 16.86 -13.71 -10.20
N GLN A 185 16.41 -14.19 -9.05
CA GLN A 185 15.67 -15.44 -8.99
C GLN A 185 14.22 -15.22 -9.45
N ARG A 186 13.41 -14.57 -8.59
CA ARG A 186 11.99 -14.32 -8.80
C ARG A 186 11.68 -12.90 -9.29
N VAL A 187 10.93 -12.83 -10.41
CA VAL A 187 10.48 -11.62 -11.10
C VAL A 187 8.96 -11.59 -11.17
N LEU A 188 8.34 -10.49 -10.72
CA LEU A 188 6.88 -10.29 -10.80
C LEU A 188 6.59 -9.34 -11.93
N ILE A 189 5.70 -9.74 -12.86
CA ILE A 189 5.28 -8.88 -13.96
C ILE A 189 3.80 -8.54 -13.73
N VAL A 190 3.48 -7.24 -13.46
CA VAL A 190 2.11 -6.74 -13.25
C VAL A 190 1.64 -6.00 -14.51
N ASP A 191 0.54 -6.49 -15.11
CA ASP A 191 -0.02 -5.93 -16.35
C ASP A 191 -1.34 -5.25 -16.05
N TRP A 192 -1.32 -3.92 -15.74
CA TRP A 192 -2.56 -3.20 -15.47
C TRP A 192 -3.16 -2.58 -16.74
N ASP A 193 -2.48 -2.79 -17.92
CA ASP A 193 -3.02 -2.42 -19.22
C ASP A 193 -4.42 -3.09 -19.31
N VAL A 194 -5.35 -2.52 -20.06
CA VAL A 194 -6.73 -3.04 -20.16
C VAL A 194 -6.81 -4.30 -21.06
N HIS A 195 -5.80 -4.58 -21.87
CA HIS A 195 -5.76 -5.81 -22.66
C HIS A 195 -4.96 -6.86 -21.93
N HIS A 196 -5.29 -8.16 -22.15
CA HIS A 196 -4.54 -9.30 -21.61
C HIS A 196 -3.27 -9.44 -22.42
N GLY A 197 -2.13 -9.51 -21.75
CA GLY A 197 -0.84 -9.64 -22.42
C GLY A 197 -0.53 -11.09 -22.66
N GLN A 198 -1.28 -11.73 -23.58
CA GLN A 198 -1.16 -13.16 -23.86
C GLN A 198 0.30 -13.53 -24.21
N GLY A 199 0.95 -12.69 -25.01
CA GLY A 199 2.36 -12.88 -25.36
C GLY A 199 3.24 -13.17 -24.16
N ILE A 200 2.99 -12.49 -23.01
CA ILE A 200 3.78 -12.75 -21.82
C ILE A 200 3.35 -14.07 -21.24
N GLN A 201 2.03 -14.24 -20.96
CA GLN A 201 1.44 -15.48 -20.40
C GLN A 201 2.10 -16.73 -20.98
N TYR A 202 2.15 -16.80 -22.33
CA TYR A 202 2.75 -17.85 -23.14
C TYR A 202 4.20 -18.09 -22.71
N ILE A 203 5.08 -17.11 -22.93
CA ILE A 203 6.51 -17.18 -22.58
C ILE A 203 6.77 -17.77 -21.18
N PHE A 204 6.07 -17.31 -20.14
CA PHE A 204 6.34 -17.81 -18.80
C PHE A 204 5.35 -18.82 -18.29
N GLU A 205 4.58 -19.49 -19.20
CA GLU A 205 3.55 -20.51 -18.88
C GLU A 205 4.11 -21.54 -17.90
N GLU A 206 5.25 -22.16 -18.30
CA GLU A 206 5.95 -23.24 -17.56
C GLU A 206 7.07 -22.75 -16.62
N ASP A 207 7.47 -21.47 -16.70
CA ASP A 207 8.50 -20.86 -15.83
C ASP A 207 7.95 -20.43 -14.44
N PRO A 208 8.43 -21.02 -13.32
CA PRO A 208 7.89 -20.64 -12.00
C PRO A 208 8.73 -19.56 -11.32
N SER A 209 9.80 -19.12 -12.00
CA SER A 209 10.68 -18.04 -11.54
C SER A 209 10.02 -16.69 -11.85
N VAL A 210 9.16 -16.64 -12.89
CA VAL A 210 8.42 -15.45 -13.30
C VAL A 210 6.92 -15.64 -13.03
N LEU A 211 6.39 -14.92 -12.02
CA LEU A 211 4.96 -14.86 -11.70
C LEU A 211 4.37 -13.69 -12.54
N TYR A 212 3.27 -13.94 -13.26
CA TYR A 212 2.67 -12.92 -14.12
C TYR A 212 1.25 -12.69 -13.74
N PHE A 213 0.93 -11.42 -13.51
CA PHE A 213 -0.41 -10.99 -13.17
C PHE A 213 -0.95 -10.12 -14.31
N SER A 214 -2.30 -10.10 -14.48
CA SER A 214 -2.93 -9.33 -15.57
C SER A 214 -4.38 -9.02 -15.34
N VAL A 215 -4.69 -7.81 -14.86
CA VAL A 215 -6.08 -7.40 -14.74
C VAL A 215 -6.45 -6.80 -16.11
N HIS A 216 -7.51 -7.32 -16.77
CA HIS A 216 -7.92 -6.87 -18.11
C HIS A 216 -9.43 -7.01 -18.43
N ARG A 217 -9.89 -6.31 -19.46
CA ARG A 217 -11.28 -6.39 -19.91
C ARG A 217 -11.39 -7.72 -20.67
N TYR A 218 -12.47 -8.48 -20.39
CA TYR A 218 -12.68 -9.77 -21.02
C TYR A 218 -14.07 -9.96 -21.59
N GLU A 219 -15.10 -9.78 -20.72
CA GLU A 219 -16.53 -9.98 -20.98
C GLU A 219 -16.72 -11.28 -21.79
N ASP A 220 -16.28 -12.40 -21.16
CA ASP A 220 -16.32 -13.79 -21.60
C ASP A 220 -15.87 -13.98 -23.07
N GLY A 221 -14.71 -13.41 -23.41
CA GLY A 221 -14.11 -13.53 -24.75
C GLY A 221 -14.56 -12.51 -25.78
N SER A 222 -15.66 -11.77 -25.49
CA SER A 222 -16.22 -10.76 -26.40
C SER A 222 -15.22 -9.63 -26.75
N PHE A 223 -14.27 -9.31 -25.84
CA PHE A 223 -13.27 -8.29 -26.01
C PHE A 223 -11.94 -8.86 -26.47
N TRP A 224 -11.34 -8.21 -27.49
CA TRP A 224 -10.07 -8.55 -28.16
C TRP A 224 -8.96 -8.90 -27.17
N PRO A 225 -8.08 -9.93 -27.40
CA PRO A 225 -7.94 -10.77 -28.58
C PRO A 225 -8.87 -11.99 -28.64
N HIS A 226 -9.91 -12.01 -27.78
CA HIS A 226 -10.95 -13.04 -27.72
C HIS A 226 -10.34 -14.41 -27.49
N LEU A 227 -9.53 -14.54 -26.43
CA LEU A 227 -8.85 -15.79 -26.10
C LEU A 227 -9.44 -16.44 -24.86
N LYS A 228 -9.57 -17.77 -24.94
CA LYS A 228 -10.12 -18.64 -23.91
C LYS A 228 -9.13 -18.63 -22.75
N GLU A 229 -7.82 -18.59 -23.09
CA GLU A 229 -6.66 -18.55 -22.20
C GLU A 229 -6.61 -17.28 -21.34
N SER A 230 -7.30 -16.19 -21.76
CA SER A 230 -7.39 -14.95 -20.99
C SER A 230 -8.25 -15.11 -19.71
N ASP A 231 -8.89 -16.29 -19.51
CA ASP A 231 -9.76 -16.49 -18.32
C ASP A 231 -8.90 -16.85 -17.10
N SER A 232 -9.50 -16.77 -15.88
CA SER A 232 -8.79 -17.08 -14.62
C SER A 232 -8.48 -18.56 -14.46
N SER A 233 -9.19 -19.40 -15.22
CA SER A 233 -9.01 -20.83 -15.30
C SER A 233 -7.60 -21.15 -15.83
N SER A 234 -7.06 -20.29 -16.72
CA SER A 234 -5.72 -20.51 -17.30
C SER A 234 -4.59 -20.01 -16.34
N VAL A 235 -4.15 -20.92 -15.43
CA VAL A 235 -3.17 -20.72 -14.34
C VAL A 235 -1.73 -21.22 -14.65
N GLY A 236 -1.38 -21.41 -15.93
CA GLY A 236 -0.05 -21.88 -16.32
C GLY A 236 0.13 -23.38 -16.16
N SER A 237 0.95 -23.98 -17.05
CA SER A 237 1.21 -25.42 -17.09
C SER A 237 2.59 -25.83 -16.51
N GLY A 238 2.74 -27.14 -16.24
CA GLY A 238 3.97 -27.77 -15.75
C GLY A 238 4.52 -27.25 -14.43
N ALA A 239 5.83 -26.90 -14.44
CA ALA A 239 6.56 -26.34 -13.30
C ALA A 239 6.00 -24.97 -12.91
N GLY A 240 5.52 -24.21 -13.90
CA GLY A 240 4.93 -22.87 -13.75
C GLY A 240 3.45 -22.83 -13.44
N GLN A 241 2.89 -23.92 -12.90
CA GLN A 241 1.47 -24.01 -12.55
C GLN A 241 1.14 -23.26 -11.25
N GLY A 242 0.40 -22.15 -11.41
CA GLY A 242 -0.01 -21.23 -10.36
C GLY A 242 0.74 -19.91 -10.45
N TYR A 243 1.66 -19.80 -11.43
CA TYR A 243 2.49 -18.63 -11.71
C TYR A 243 2.01 -17.87 -12.98
N ASN A 244 0.68 -17.77 -13.13
CA ASN A 244 -0.04 -17.09 -14.20
C ASN A 244 -1.40 -16.76 -13.62
N ILE A 245 -1.65 -15.46 -13.43
CA ILE A 245 -2.86 -14.98 -12.79
C ILE A 245 -3.61 -14.00 -13.70
N ASN A 246 -4.83 -14.37 -14.10
CA ASN A 246 -5.66 -13.55 -14.93
C ASN A 246 -6.87 -13.05 -14.13
N LEU A 247 -7.08 -11.71 -14.11
CA LEU A 247 -8.24 -11.08 -13.48
C LEU A 247 -9.07 -10.48 -14.63
N PRO A 248 -10.05 -11.25 -15.17
CA PRO A 248 -10.83 -10.75 -16.31
C PRO A 248 -12.09 -10.05 -15.85
N TRP A 249 -12.29 -8.81 -16.33
CA TRP A 249 -13.50 -8.06 -16.01
C TRP A 249 -14.56 -8.49 -17.05
N ASN A 250 -15.79 -8.80 -16.59
CA ASN A 250 -16.83 -9.25 -17.52
C ASN A 250 -17.97 -8.21 -17.68
N LYS A 251 -17.70 -7.00 -17.18
CA LYS A 251 -18.54 -5.81 -17.28
C LYS A 251 -17.63 -4.56 -17.38
N VAL A 252 -17.91 -3.67 -18.34
CA VAL A 252 -17.14 -2.43 -18.53
C VAL A 252 -17.45 -1.37 -17.43
N GLY A 253 -16.75 -0.26 -17.46
CA GLY A 253 -16.94 0.83 -16.52
C GLY A 253 -16.41 0.55 -15.13
N MET A 254 -15.29 -0.18 -15.05
CA MET A 254 -14.66 -0.45 -13.75
C MET A 254 -13.98 0.83 -13.24
N GLU A 255 -13.96 1.01 -11.92
CA GLU A 255 -13.37 2.22 -11.33
C GLU A 255 -12.16 1.96 -10.44
N SER A 256 -11.74 2.98 -9.65
CA SER A 256 -10.60 2.87 -8.73
C SER A 256 -10.78 1.68 -7.76
N GLY A 257 -11.90 1.67 -7.03
CA GLY A 257 -12.30 0.61 -6.10
C GLY A 257 -12.16 -0.78 -6.67
N ASP A 258 -12.50 -0.96 -7.93
CA ASP A 258 -12.41 -2.27 -8.57
C ASP A 258 -10.95 -2.75 -8.72
N TYR A 259 -10.00 -1.80 -8.89
CA TYR A 259 -8.58 -2.15 -9.01
C TYR A 259 -7.90 -2.20 -7.64
N ILE A 260 -8.31 -1.32 -6.71
CA ILE A 260 -7.69 -1.29 -5.40
C ILE A 260 -8.03 -2.57 -4.63
N THR A 261 -9.32 -2.93 -4.59
CA THR A 261 -9.80 -4.15 -3.93
C THR A 261 -9.14 -5.38 -4.56
N ALA A 262 -8.98 -5.42 -5.88
CA ALA A 262 -8.31 -6.53 -6.54
C ALA A 262 -6.88 -6.70 -6.04
N PHE A 263 -6.13 -5.59 -5.95
CA PHE A 263 -4.75 -5.56 -5.47
C PHE A 263 -4.68 -6.00 -3.99
N GLN A 264 -5.62 -5.50 -3.15
CA GLN A 264 -5.69 -5.80 -1.71
C GLN A 264 -5.98 -7.26 -1.35
N GLN A 265 -7.09 -7.82 -1.87
CA GLN A 265 -7.52 -9.18 -1.59
C GLN A 265 -6.80 -10.26 -2.42
N LEU A 266 -6.23 -9.93 -3.60
CA LEU A 266 -5.64 -10.98 -4.43
C LEU A 266 -4.13 -10.76 -4.74
N LEU A 267 -3.75 -9.67 -5.45
CA LEU A 267 -2.36 -9.45 -5.86
C LEU A 267 -1.36 -9.26 -4.71
N LEU A 268 -1.66 -8.43 -3.71
CA LEU A 268 -0.67 -8.17 -2.65
C LEU A 268 -0.36 -9.42 -1.85
N PRO A 269 -1.38 -10.20 -1.37
CA PRO A 269 -1.07 -11.47 -0.70
C PRO A 269 -0.16 -12.36 -1.55
N VAL A 270 -0.54 -12.62 -2.81
CA VAL A 270 0.24 -13.44 -3.74
C VAL A 270 1.66 -12.93 -3.92
N ALA A 271 1.83 -11.61 -4.13
CA ALA A 271 3.13 -10.96 -4.32
C ALA A 271 4.03 -11.07 -3.08
N TYR A 272 3.48 -10.82 -1.87
CA TYR A 272 4.25 -10.94 -0.65
C TYR A 272 4.67 -12.39 -0.38
N GLU A 273 3.84 -13.39 -0.78
CA GLU A 273 4.20 -14.80 -0.65
C GLU A 273 5.32 -15.14 -1.66
N PHE A 274 5.15 -14.76 -2.95
CA PHE A 274 6.11 -15.02 -4.02
C PHE A 274 7.49 -14.42 -3.79
N GLN A 275 7.59 -13.32 -3.01
CA GLN A 275 8.86 -12.64 -2.73
C GLN A 275 9.74 -12.36 -3.96
N PRO A 276 9.34 -11.44 -4.88
CA PRO A 276 10.22 -11.18 -6.05
C PRO A 276 11.36 -10.23 -5.72
N GLN A 277 12.43 -10.30 -6.48
CA GLN A 277 13.56 -9.38 -6.26
C GLN A 277 13.47 -8.21 -7.22
N LEU A 278 12.47 -8.24 -8.08
CA LEU A 278 12.21 -7.19 -9.06
C LEU A 278 10.72 -7.19 -9.39
N VAL A 279 10.17 -5.98 -9.65
CA VAL A 279 8.80 -5.84 -10.13
C VAL A 279 8.84 -5.10 -11.45
N LEU A 280 8.25 -5.70 -12.49
CA LEU A 280 8.14 -5.08 -13.80
C LEU A 280 6.66 -4.81 -14.03
N VAL A 281 6.34 -3.65 -14.62
CA VAL A 281 4.93 -3.27 -14.81
C VAL A 281 4.66 -2.95 -16.26
N ALA A 282 3.67 -3.64 -16.83
CA ALA A 282 3.21 -3.38 -18.19
C ALA A 282 2.17 -2.27 -18.01
N ALA A 283 2.69 -1.02 -17.93
CA ALA A 283 1.93 0.18 -17.64
C ALA A 283 1.24 0.74 -18.88
N GLY A 284 0.05 0.22 -19.09
CA GLY A 284 -0.87 0.63 -20.13
C GLY A 284 -1.90 1.47 -19.42
N PHE A 285 -2.37 2.58 -20.06
CA PHE A 285 -3.32 3.50 -19.42
C PHE A 285 -4.67 3.55 -20.15
N ASP A 286 -5.03 2.43 -20.84
CA ASP A 286 -6.27 2.26 -21.59
C ASP A 286 -7.47 2.00 -20.65
N ALA A 287 -7.21 1.81 -19.34
CA ALA A 287 -8.28 1.64 -18.34
C ALA A 287 -8.71 3.01 -17.75
N VAL A 288 -7.92 4.08 -18.01
CA VAL A 288 -8.20 5.45 -17.55
C VAL A 288 -9.46 5.99 -18.26
N ILE A 289 -10.23 6.86 -17.53
CA ILE A 289 -11.44 7.55 -17.99
C ILE A 289 -11.08 8.16 -19.33
N GLY A 290 -11.99 8.05 -20.28
CA GLY A 290 -11.79 8.67 -21.58
C GLY A 290 -11.03 7.88 -22.59
N ASP A 291 -10.52 6.70 -22.22
CA ASP A 291 -9.85 5.89 -23.25
C ASP A 291 -10.92 5.26 -24.17
N PRO A 292 -10.77 5.44 -25.48
CA PRO A 292 -11.78 4.92 -26.42
C PRO A 292 -11.88 3.39 -26.54
N LYS A 293 -10.79 2.66 -26.27
CA LYS A 293 -10.79 1.20 -26.41
C LYS A 293 -11.05 0.46 -25.08
N GLY A 294 -10.65 1.01 -23.95
CA GLY A 294 -10.82 0.33 -22.68
C GLY A 294 -12.23 0.20 -22.14
N GLY A 295 -13.03 1.23 -22.34
CA GLY A 295 -14.37 1.28 -21.78
C GLY A 295 -14.38 1.21 -20.26
N MET A 296 -13.31 1.67 -19.60
CA MET A 296 -13.27 1.65 -18.14
C MET A 296 -13.32 3.05 -17.63
N GLN A 297 -13.52 3.26 -16.33
CA GLN A 297 -13.64 4.61 -15.80
C GLN A 297 -12.74 4.87 -14.60
N VAL A 298 -11.48 4.37 -14.66
CA VAL A 298 -10.49 4.52 -13.58
C VAL A 298 -9.90 5.93 -13.66
N SER A 299 -9.93 6.69 -12.56
CA SER A 299 -9.36 8.03 -12.58
C SER A 299 -7.83 7.93 -12.50
N PRO A 300 -7.06 8.83 -13.19
CA PRO A 300 -5.60 8.69 -13.21
C PRO A 300 -4.98 8.54 -11.83
N GLU A 301 -5.43 9.35 -10.86
CA GLU A 301 -5.04 9.35 -9.44
C GLU A 301 -4.88 7.96 -8.84
N CYS A 302 -5.66 6.98 -9.33
CA CYS A 302 -5.62 5.60 -8.87
C CYS A 302 -4.27 4.97 -9.08
N PHE A 303 -3.61 5.30 -10.21
CA PHE A 303 -2.32 4.76 -10.56
C PHE A 303 -1.25 5.22 -9.58
N SER A 304 -1.46 6.40 -8.93
CA SER A 304 -0.56 6.87 -7.89
C SER A 304 -0.57 5.84 -6.76
N ILE A 305 -1.80 5.38 -6.34
CA ILE A 305 -2.04 4.35 -5.31
C ILE A 305 -1.46 2.97 -5.76
N LEU A 306 -1.85 2.43 -6.94
CA LEU A 306 -1.31 1.12 -7.41
C LEU A 306 0.24 1.04 -7.43
N THR A 307 0.92 2.08 -7.99
CA THR A 307 2.39 2.18 -8.07
C THR A 307 3.00 2.10 -6.68
N HIS A 308 2.42 2.84 -5.70
CA HIS A 308 2.85 2.87 -4.32
C HIS A 308 2.79 1.48 -3.72
N MET A 309 1.65 0.79 -3.87
CA MET A 309 1.40 -0.56 -3.36
C MET A 309 2.50 -1.54 -3.80
N LEU A 310 2.89 -1.46 -5.08
CA LEU A 310 3.93 -2.28 -5.65
C LEU A 310 5.34 -1.94 -5.14
N LYS A 311 5.51 -0.80 -4.44
CA LYS A 311 6.82 -0.40 -3.92
C LYS A 311 7.19 -1.30 -2.74
N GLY A 312 6.16 -1.84 -2.06
CA GLY A 312 6.27 -2.70 -0.89
C GLY A 312 6.95 -4.02 -1.19
N VAL A 313 6.39 -4.76 -2.14
CA VAL A 313 6.97 -6.00 -2.66
C VAL A 313 8.26 -5.57 -3.43
N ALA A 314 9.26 -6.47 -3.58
CA ALA A 314 10.55 -6.19 -4.28
C ALA A 314 11.36 -4.99 -3.72
N GLN A 315 10.97 -4.53 -2.51
CA GLN A 315 11.65 -3.51 -1.71
C GLN A 315 12.06 -2.25 -2.50
N GLY A 316 11.13 -1.74 -3.29
CA GLY A 316 11.39 -0.54 -4.07
C GLY A 316 11.84 -0.78 -5.49
N ARG A 317 12.44 -1.96 -5.78
CA ARG A 317 12.93 -2.30 -7.13
C ARG A 317 11.71 -2.44 -8.04
N LEU A 318 11.40 -1.33 -8.76
CA LEU A 318 10.20 -1.16 -9.58
C LEU A 318 10.50 -0.51 -10.91
N VAL A 319 10.12 -1.16 -12.01
CA VAL A 319 10.33 -0.59 -13.34
C VAL A 319 9.04 -0.62 -14.12
N LEU A 320 8.68 0.52 -14.72
CA LEU A 320 7.45 0.66 -15.48
C LEU A 320 7.81 0.92 -16.93
N ALA A 321 7.13 0.22 -17.83
CA ALA A 321 7.30 0.49 -19.25
C ALA A 321 5.91 0.71 -19.82
N LEU A 322 5.80 1.74 -20.67
CA LEU A 322 4.55 2.12 -21.29
C LEU A 322 4.08 1.05 -22.29
N GLU A 323 2.82 0.66 -22.16
CA GLU A 323 2.18 -0.31 -23.04
C GLU A 323 1.09 0.44 -23.81
N GLY A 324 -0.16 0.25 -23.45
CA GLY A 324 -1.26 0.92 -24.12
C GLY A 324 -1.69 2.21 -23.47
N GLY A 325 -2.83 2.69 -23.93
CA GLY A 325 -3.39 3.97 -23.56
C GLY A 325 -3.42 4.75 -24.86
N TYR A 326 -4.64 4.88 -25.42
CA TYR A 326 -4.86 5.41 -26.73
C TYR A 326 -5.51 6.82 -26.73
N ASN A 327 -5.98 7.34 -25.54
CA ASN A 327 -6.44 8.74 -25.40
C ASN A 327 -5.25 9.53 -24.89
N LEU A 328 -4.73 10.43 -25.76
CA LEU A 328 -3.53 11.23 -25.50
C LEU A 328 -3.53 11.95 -24.12
N GLN A 329 -4.66 12.51 -23.69
CA GLN A 329 -4.74 13.18 -22.38
C GLN A 329 -4.74 12.20 -21.24
N SER A 330 -5.65 11.22 -21.31
CA SER A 330 -5.85 10.16 -20.33
C SER A 330 -4.53 9.40 -20.07
N THR A 331 -3.78 9.09 -21.13
CA THR A 331 -2.51 8.40 -20.94
C THR A 331 -1.49 9.31 -20.25
N ALA A 332 -1.28 10.55 -20.80
CA ALA A 332 -0.35 11.50 -20.21
C ALA A 332 -0.68 11.70 -18.74
N GLU A 333 -1.97 11.80 -18.41
CA GLU A 333 -2.45 11.94 -17.03
C GLU A 333 -2.11 10.71 -16.17
N GLY A 334 -2.29 9.50 -16.73
CA GLY A 334 -1.98 8.25 -16.04
C GLY A 334 -0.50 8.13 -15.75
N VAL A 335 0.34 8.46 -16.75
CA VAL A 335 1.79 8.41 -16.61
C VAL A 335 2.23 9.35 -15.51
N CYS A 336 1.69 10.59 -15.49
CA CYS A 336 2.03 11.58 -14.48
C CYS A 336 1.72 11.09 -13.08
N ALA A 337 0.53 10.52 -12.89
CA ALA A 337 0.08 9.96 -11.61
C ALA A 337 1.00 8.83 -11.13
N SER A 338 1.52 8.02 -12.06
CA SER A 338 2.43 6.94 -11.72
C SER A 338 3.79 7.52 -11.42
N MET A 339 4.27 8.44 -12.27
CA MET A 339 5.56 9.12 -12.10
C MET A 339 5.69 9.80 -10.75
N ARG A 340 4.59 10.40 -10.24
CA ARG A 340 4.54 11.09 -8.94
C ARG A 340 4.78 10.16 -7.82
N SER A 341 4.31 8.90 -7.96
CA SER A 341 4.51 7.91 -6.92
C SER A 341 5.95 7.46 -6.89
N LEU A 342 6.55 7.21 -8.07
CA LEU A 342 7.95 6.80 -8.21
C LEU A 342 8.83 7.86 -7.55
N LEU A 343 8.58 9.17 -7.87
CA LEU A 343 9.32 10.34 -7.37
C LEU A 343 9.11 10.60 -5.84
N GLY A 344 8.27 9.77 -5.22
CA GLY A 344 7.99 9.77 -3.80
C GLY A 344 7.01 10.79 -3.28
N ASP A 345 6.27 11.46 -4.17
CA ASP A 345 5.28 12.45 -3.77
C ASP A 345 4.10 11.77 -3.06
N PRO A 346 3.43 12.50 -2.14
CA PRO A 346 2.27 11.93 -1.43
C PRO A 346 1.19 11.51 -2.39
N CYS A 347 0.44 10.48 -2.01
CA CYS A 347 -0.67 9.95 -2.78
C CYS A 347 -1.78 10.95 -2.86
N PRO A 348 -2.66 10.91 -3.88
CA PRO A 348 -3.78 11.84 -3.87
C PRO A 348 -4.94 11.23 -3.10
N HIS A 349 -5.99 12.04 -2.91
CA HIS A 349 -7.24 11.55 -2.36
C HIS A 349 -7.90 10.82 -3.53
N LEU A 350 -8.53 9.67 -3.25
CA LEU A 350 -9.18 8.93 -4.31
C LEU A 350 -10.37 9.72 -4.83
N PRO A 351 -10.46 9.99 -6.16
CA PRO A 351 -11.56 10.81 -6.67
C PRO A 351 -12.89 10.08 -6.78
N SER A 352 -12.89 8.75 -6.68
CA SER A 352 -14.10 7.94 -6.63
C SER A 352 -14.18 7.14 -5.30
N SER A 353 -15.19 6.27 -5.13
CA SER A 353 -15.41 5.50 -3.90
C SER A 353 -14.42 4.38 -3.73
N GLY A 354 -14.11 4.06 -2.48
CA GLY A 354 -13.17 2.97 -2.21
C GLY A 354 -13.83 1.62 -2.12
N ALA A 355 -14.98 1.47 -2.76
CA ALA A 355 -15.80 0.27 -2.73
C ALA A 355 -15.87 -0.36 -4.08
N PRO A 356 -15.72 -1.68 -4.18
CA PRO A 356 -15.86 -2.32 -5.48
C PRO A 356 -17.32 -2.59 -5.85
N CYS A 357 -17.52 -2.94 -7.12
CA CYS A 357 -18.81 -3.29 -7.66
C CYS A 357 -18.92 -4.83 -7.67
N GLU A 358 -20.18 -5.34 -7.74
CA GLU A 358 -20.50 -6.75 -7.73
C GLU A 358 -19.80 -7.53 -8.81
N SER A 359 -19.74 -6.99 -10.05
CA SER A 359 -19.08 -7.70 -11.15
C SER A 359 -17.61 -7.83 -10.88
N ALA A 360 -17.00 -6.84 -10.19
CA ALA A 360 -15.56 -6.87 -9.84
C ALA A 360 -15.35 -7.99 -8.82
N LEU A 361 -16.13 -7.94 -7.71
CA LEU A 361 -16.10 -8.95 -6.65
C LEU A 361 -16.29 -10.37 -7.19
N LYS A 362 -17.19 -10.56 -8.16
CA LYS A 362 -17.35 -11.87 -8.82
C LYS A 362 -16.07 -12.28 -9.58
N SER A 363 -15.44 -11.33 -10.32
CA SER A 363 -14.22 -11.63 -11.08
C SER A 363 -13.03 -11.94 -10.16
N ILE A 364 -12.88 -11.15 -9.05
CA ILE A 364 -11.83 -11.28 -8.03
C ILE A 364 -11.94 -12.68 -7.35
N SER A 365 -13.17 -13.00 -6.85
CA SER A 365 -13.51 -14.25 -6.19
C SER A 365 -13.25 -15.45 -7.07
N LYS A 366 -13.69 -15.42 -8.35
CA LYS A 366 -13.48 -16.53 -9.28
C LYS A 366 -11.97 -16.74 -9.59
N THR A 367 -11.15 -15.67 -9.47
CA THR A 367 -9.69 -15.74 -9.66
C THR A 367 -9.03 -16.28 -8.38
N ILE A 368 -9.45 -15.80 -7.17
CA ILE A 368 -8.97 -16.28 -5.86
C ILE A 368 -9.24 -17.80 -5.79
N SER A 369 -10.47 -18.22 -6.17
CA SER A 369 -10.91 -19.60 -6.24
C SER A 369 -10.05 -20.40 -7.26
N ASP A 370 -9.82 -19.87 -8.47
CA ASP A 370 -8.99 -20.52 -9.51
C ASP A 370 -7.49 -20.64 -9.14
N LEU A 371 -7.01 -19.91 -8.10
CA LEU A 371 -5.59 -19.97 -7.73
C LEU A 371 -5.36 -20.56 -6.34
N TYR A 372 -6.44 -20.65 -5.52
CA TYR A 372 -6.49 -21.19 -4.14
C TYR A 372 -5.54 -22.37 -3.87
N PRO A 373 -5.46 -23.42 -4.75
CA PRO A 373 -4.51 -24.51 -4.48
C PRO A 373 -3.06 -24.10 -4.34
N PHE A 374 -2.56 -23.32 -5.30
CA PHE A 374 -1.16 -22.94 -5.47
C PHE A 374 -0.59 -21.86 -4.50
N TRP A 375 -1.45 -21.14 -3.75
CA TRP A 375 -0.99 -20.04 -2.90
C TRP A 375 -1.47 -20.15 -1.48
N LYS A 376 -0.54 -20.30 -0.54
CA LYS A 376 -0.84 -20.40 0.89
C LYS A 376 -1.49 -19.09 1.45
N SER A 377 -1.15 -17.93 0.83
CA SER A 377 -1.65 -16.59 1.16
C SER A 377 -3.18 -16.44 0.90
N LEU A 378 -3.64 -17.08 -0.19
CA LEU A 378 -5.05 -17.10 -0.59
C LEU A 378 -5.81 -18.10 0.29
N GLN A 379 -5.11 -19.18 0.73
CA GLN A 379 -5.67 -20.22 1.58
C GLN A 379 -6.17 -19.67 2.92
N THR A 380 -5.89 -18.36 3.20
CA THR A 380 -6.37 -17.65 4.38
C THR A 380 -7.88 -17.76 4.50
N PHE A 381 -8.63 -17.54 3.40
CA PHE A 381 -10.10 -17.59 3.37
C PHE A 381 -10.62 -19.00 3.58
N GLU A 382 -11.57 -19.23 4.54
CA GLU A 382 -12.16 -20.57 4.74
C GLU A 382 -13.06 -20.94 3.55
N GLY A 383 -13.92 -20.01 3.17
CA GLY A 383 -14.85 -20.18 2.08
C GLY A 383 -16.26 -19.91 2.52
N GLY A 384 -17.21 -20.21 1.65
CA GLY A 384 -18.62 -20.02 1.92
C GLY A 384 -19.14 -18.60 1.78
N PRO A 385 -20.30 -18.31 2.41
CA PRO A 385 -20.93 -17.01 2.22
C PRO A 385 -20.74 -15.93 3.29
N LEU A 386 -20.38 -14.75 2.75
CA LEU A 386 -20.21 -13.44 3.37
C LEU A 386 -21.36 -12.62 2.80
N SER A 387 -21.96 -11.75 3.64
CA SER A 387 -23.12 -10.91 3.33
C SER A 387 -23.05 -10.16 1.97
N GLU A 388 -24.21 -9.80 1.39
CA GLU A 388 -24.30 -9.06 0.11
C GLU A 388 -25.29 -7.90 0.22
N VAL A 389 -25.67 -7.58 1.47
CA VAL A 389 -26.54 -6.50 1.94
C VAL A 389 -26.02 -5.13 1.45
N SER A 390 -26.92 -4.14 1.30
CA SER A 390 -26.56 -2.77 0.89
C SER A 390 -25.53 -2.24 1.92
N PRO A 391 -24.26 -1.99 1.49
CA PRO A 391 -23.23 -1.60 2.44
C PRO A 391 -23.33 -0.16 2.91
N LEU A 392 -22.37 0.22 3.76
CA LEU A 392 -22.28 1.56 4.34
C LEU A 392 -21.83 2.53 3.26
N PRO A 393 -22.17 3.82 3.40
CA PRO A 393 -21.72 4.81 2.40
C PRO A 393 -20.19 4.88 2.28
N ALA A 394 -19.67 4.86 1.02
CA ALA A 394 -18.26 4.94 0.63
C ALA A 394 -17.99 6.35 0.06
N PRO A 395 -17.76 7.37 0.92
CA PRO A 395 -17.61 8.74 0.39
C PRO A 395 -16.27 9.04 -0.30
N VAL A 396 -16.18 10.25 -0.93
CA VAL A 396 -14.97 10.77 -1.57
C VAL A 396 -14.51 12.07 -0.86
N CYS A 397 -13.17 12.26 -0.79
CA CYS A 397 -12.61 13.43 -0.12
C CYS A 397 -12.22 14.49 -1.11
N ALA A 398 -12.39 15.73 -0.71
CA ALA A 398 -11.97 16.85 -1.51
C ALA A 398 -10.46 16.75 -1.82
N GLU A 399 -10.10 17.00 -3.08
CA GLU A 399 -8.76 17.00 -3.64
C GLU A 399 -7.91 17.92 -2.77
N VAL A 400 -6.69 17.47 -2.49
CA VAL A 400 -5.69 18.20 -1.75
C VAL A 400 -4.51 18.36 -2.69
N LYS A 401 -3.99 19.60 -2.79
CA LYS A 401 -2.83 19.95 -3.63
C LYS A 401 -1.62 19.04 -3.37
N VAL A 402 -1.19 18.31 -4.41
CA VAL A 402 -0.02 17.43 -4.33
C VAL A 402 1.21 18.34 -4.32
N SER A 403 1.99 18.23 -3.23
CA SER A 403 3.12 19.10 -2.94
C SER A 403 4.34 18.29 -2.49
N SER A 404 5.47 18.98 -2.26
CA SER A 404 6.72 18.38 -1.76
C SER A 404 6.41 17.84 -0.34
N PRO A 405 6.59 16.53 -0.10
CA PRO A 405 6.23 15.98 1.21
C PRO A 405 7.20 16.39 2.30
N ILE A 406 6.67 16.69 3.49
CA ILE A 406 7.50 17.03 4.65
C ILE A 406 7.06 16.14 5.80
N THR A 407 8.01 15.49 6.49
CA THR A 407 7.64 14.67 7.63
C THR A 407 7.90 15.47 8.90
N GLY A 408 6.87 15.63 9.73
CA GLY A 408 7.01 16.32 10.99
C GLY A 408 7.48 15.41 12.11
N LEU A 409 8.24 15.96 13.05
CA LEU A 409 8.65 15.17 14.22
C LEU A 409 8.50 16.03 15.46
N VAL A 410 7.86 15.41 16.49
CA VAL A 410 7.63 16.00 17.78
C VAL A 410 8.12 15.07 18.92
N TYR A 411 9.01 15.64 19.74
CA TYR A 411 9.59 15.09 20.97
C TYR A 411 9.98 16.27 21.86
N ASP A 412 9.68 16.13 23.18
CA ASP A 412 10.07 17.06 24.25
C ASP A 412 10.54 16.27 25.47
N GLN A 413 11.77 16.53 25.97
CA GLN A 413 12.36 15.76 27.08
C GLN A 413 11.56 15.85 28.40
N ARG A 414 10.70 16.90 28.53
CA ARG A 414 9.84 17.14 29.68
C ARG A 414 8.90 15.99 29.91
N MET A 415 8.61 15.19 28.87
CA MET A 415 7.72 14.02 28.98
C MET A 415 8.37 12.85 29.72
N MET A 416 9.63 13.03 30.16
CA MET A 416 10.36 12.01 30.90
C MET A 416 10.15 12.20 32.42
N LEU A 417 9.66 13.40 32.83
CA LEU A 417 9.41 13.76 34.23
C LEU A 417 8.29 12.95 34.91
N HIS A 418 7.54 12.10 34.17
CA HIS A 418 6.48 11.24 34.74
C HIS A 418 7.10 9.86 35.08
N HIS A 419 7.08 9.45 36.38
CA HIS A 419 7.71 8.21 36.87
C HIS A 419 7.04 7.58 38.12
N ASN A 420 7.44 6.33 38.42
CA ASN A 420 6.96 5.50 39.53
C ASN A 420 7.98 5.53 40.69
N MET A 421 7.69 6.36 41.73
CA MET A 421 8.56 6.50 42.92
C MET A 421 8.66 5.24 43.79
N TRP A 422 8.06 4.11 43.39
CA TRP A 422 8.05 2.89 44.18
C TRP A 422 8.60 1.73 43.40
N ASP A 423 7.92 1.28 42.34
CA ASP A 423 8.42 0.20 41.50
C ASP A 423 9.25 0.79 40.37
N SER A 424 10.56 0.96 40.63
CA SER A 424 11.54 1.48 39.66
C SER A 424 11.71 0.53 38.46
N HIS A 425 11.12 -0.66 38.57
CA HIS A 425 11.13 -1.73 37.57
C HIS A 425 9.79 -1.76 36.80
N HIS A 426 9.12 -0.58 36.69
CA HIS A 426 7.85 -0.46 35.96
C HIS A 426 8.12 -0.21 34.48
N PRO A 427 7.56 -1.07 33.57
CA PRO A 427 7.88 -1.00 32.13
C PRO A 427 7.73 0.35 31.43
N GLU A 428 6.80 1.20 31.87
CA GLU A 428 6.60 2.51 31.25
C GLU A 428 7.67 3.48 31.77
N LEU A 429 8.92 3.27 31.32
CA LEU A 429 10.10 4.05 31.70
C LEU A 429 10.21 5.40 30.98
N PRO A 430 10.77 6.44 31.63
CA PRO A 430 10.99 7.72 30.92
C PRO A 430 11.97 7.60 29.73
N GLN A 431 12.92 6.64 29.82
CA GLN A 431 13.95 6.34 28.81
C GLN A 431 13.35 6.03 27.46
N ARG A 432 12.17 5.35 27.44
CA ARG A 432 11.41 4.97 26.24
C ARG A 432 11.43 6.03 25.16
N ILE A 433 11.16 7.30 25.51
CA ILE A 433 11.10 8.33 24.50
C ILE A 433 12.50 8.82 24.10
N SER A 434 13.38 9.19 25.05
CA SER A 434 14.78 9.61 24.77
C SER A 434 15.58 8.56 23.94
N ARG A 435 15.31 7.26 24.16
CA ARG A 435 15.92 6.16 23.42
C ARG A 435 15.48 6.12 21.95
N ILE A 436 14.15 6.22 21.71
CA ILE A 436 13.56 6.28 20.38
C ILE A 436 14.14 7.51 19.69
N PHE A 437 14.13 8.67 20.39
CA PHE A 437 14.67 9.90 19.83
C PHE A 437 16.15 9.81 19.44
N SER A 438 16.97 9.09 20.26
CA SER A 438 18.41 8.94 20.03
C SER A 438 18.65 8.27 18.68
N ARG A 439 17.97 7.10 18.46
CA ARG A 439 18.03 6.29 17.26
C ARG A 439 17.63 7.11 16.00
N HIS A 440 16.62 8.01 16.12
CA HIS A 440 16.16 8.95 15.08
C HIS A 440 17.26 9.91 14.67
N GLU A 441 18.12 10.29 15.60
CA GLU A 441 19.22 11.22 15.36
C GLU A 441 20.48 10.47 14.85
N GLU A 442 20.73 9.26 15.40
CA GLU A 442 21.84 8.40 15.00
C GLU A 442 21.63 8.06 13.50
N LEU A 443 20.40 7.60 13.14
CA LEU A 443 20.06 7.22 11.79
C LEU A 443 19.87 8.43 10.86
N ARG A 444 19.96 9.65 11.43
CA ARG A 444 19.85 10.96 10.76
C ARG A 444 18.40 11.29 10.29
N LEU A 445 17.42 10.46 10.67
CA LEU A 445 16.01 10.70 10.35
C LEU A 445 15.54 12.06 10.90
N LEU A 446 15.99 12.41 12.11
CA LEU A 446 15.65 13.67 12.76
C LEU A 446 16.01 14.90 11.93
N SER A 447 17.23 14.94 11.37
CA SER A 447 17.69 16.08 10.58
C SER A 447 16.96 16.24 9.24
N ARG A 448 16.30 15.15 8.79
CA ARG A 448 15.51 15.04 7.58
C ARG A 448 14.02 15.41 7.78
N CYS A 449 13.61 15.56 9.07
CA CYS A 449 12.26 15.92 9.54
C CYS A 449 12.12 17.40 9.84
N HIS A 450 10.87 17.84 9.89
CA HIS A 450 10.52 19.17 10.30
C HIS A 450 10.10 19.10 11.78
N ARG A 451 10.82 19.81 12.64
CA ARG A 451 10.53 19.79 14.07
C ARG A 451 9.30 20.64 14.44
N ILE A 452 8.27 19.96 14.94
CA ILE A 452 7.02 20.61 15.36
C ILE A 452 7.12 20.80 16.89
N PRO A 453 6.91 22.03 17.43
CA PRO A 453 7.02 22.22 18.88
C PRO A 453 5.84 21.65 19.65
N ALA A 454 6.14 20.90 20.74
CA ALA A 454 5.16 20.32 21.64
C ALA A 454 4.53 21.45 22.45
N ARG A 455 3.28 21.26 22.86
CA ARG A 455 2.54 22.24 23.66
C ARG A 455 1.67 21.51 24.67
N LEU A 456 1.00 22.27 25.55
CA LEU A 456 0.09 21.70 26.53
C LEU A 456 -1.31 21.81 25.98
N ALA A 457 -2.02 20.67 26.03
CA ALA A 457 -3.41 20.54 25.63
C ALA A 457 -4.25 21.28 26.68
N THR A 458 -5.19 22.19 26.25
CA THR A 458 -6.08 22.95 27.15
C THR A 458 -7.16 22.07 27.79
N GLU A 459 -7.73 22.53 28.92
CA GLU A 459 -8.80 21.78 29.60
C GLU A 459 -10.04 21.61 28.67
N GLU A 460 -10.34 22.65 27.85
CA GLU A 460 -11.44 22.71 26.86
C GLU A 460 -11.18 21.62 25.86
N GLU A 461 -9.89 21.51 25.44
CA GLU A 461 -9.40 20.49 24.52
C GLU A 461 -9.54 19.10 25.13
N LEU A 462 -9.24 18.94 26.44
CA LEU A 462 -9.36 17.65 27.13
C LEU A 462 -10.83 17.28 27.26
N ALA A 463 -11.69 18.32 27.33
CA ALA A 463 -13.14 18.21 27.44
C ALA A 463 -13.72 17.48 26.24
N LEU A 464 -13.08 17.60 25.05
CA LEU A 464 -13.50 16.94 23.81
C LEU A 464 -13.88 15.47 23.99
N CYS A 465 -13.23 14.76 24.93
CA CYS A 465 -13.55 13.35 25.20
C CYS A 465 -13.83 13.05 26.66
N HIS A 466 -13.08 13.67 27.59
CA HIS A 466 -13.13 13.32 29.01
C HIS A 466 -14.08 14.17 29.85
N SER A 467 -14.60 13.57 30.95
CA SER A 467 -15.49 14.21 31.93
C SER A 467 -14.73 15.24 32.76
N SER A 468 -15.44 16.29 33.26
N SER A 468 -15.42 16.31 33.25
CA SER A 468 -14.86 17.35 34.10
CA SER A 468 -14.80 17.34 34.08
C SER A 468 -14.35 16.77 35.44
C SER A 468 -14.32 16.77 35.42
N LYS A 469 -14.98 15.65 35.87
CA LYS A 469 -14.65 14.88 37.09
C LYS A 469 -13.27 14.24 36.90
N HIS A 470 -13.06 13.50 35.77
CA HIS A 470 -11.79 12.85 35.41
C HIS A 470 -10.65 13.87 35.17
N ILE A 471 -10.95 15.03 34.52
CA ILE A 471 -10.00 16.11 34.24
C ILE A 471 -9.51 16.78 35.54
N SER A 472 -10.42 17.19 36.44
CA SER A 472 -10.03 17.83 37.73
C SER A 472 -9.25 16.90 38.70
N ILE A 473 -9.61 15.58 38.74
CA ILE A 473 -8.97 14.52 39.55
C ILE A 473 -7.48 14.32 39.16
N ILE A 474 -7.16 14.37 37.84
CA ILE A 474 -5.80 14.21 37.34
C ILE A 474 -5.12 15.57 37.45
N LYS A 475 -5.84 16.67 37.19
CA LYS A 475 -5.31 18.05 37.26
C LYS A 475 -4.75 18.35 38.65
N SER A 476 -5.54 17.96 39.68
CA SER A 476 -5.28 18.12 41.11
C SER A 476 -3.97 17.44 41.56
N SER A 477 -3.66 16.27 40.95
CA SER A 477 -2.47 15.44 41.18
C SER A 477 -1.13 16.23 41.04
N GLU A 478 -1.12 17.38 40.32
CA GLU A 478 0.05 18.26 40.15
C GLU A 478 0.45 18.92 41.49
N HIS A 479 -0.30 18.62 42.59
CA HIS A 479 -0.08 19.19 43.92
C HIS A 479 -0.04 18.17 45.07
N MET A 480 -0.66 16.98 44.88
CA MET A 480 -0.72 15.87 45.83
C MET A 480 0.64 15.39 46.35
N LYS A 481 0.67 14.93 47.61
CA LYS A 481 1.86 14.37 48.23
C LYS A 481 1.99 12.90 47.82
N PRO A 482 3.19 12.29 47.91
CA PRO A 482 3.40 10.93 47.37
C PRO A 482 2.50 9.78 47.88
N ARG A 483 2.01 9.88 49.13
CA ARG A 483 1.12 8.86 49.73
C ARG A 483 -0.26 8.96 49.08
N ASP A 484 -0.71 10.23 48.81
CA ASP A 484 -1.96 10.57 48.12
C ASP A 484 -1.87 10.06 46.70
N LEU A 485 -0.64 10.14 46.10
CA LEU A 485 -0.32 9.70 44.75
C LEU A 485 -0.22 8.18 44.64
N ASN A 486 0.08 7.49 45.76
CA ASN A 486 0.10 6.02 45.75
C ASN A 486 -1.35 5.53 45.85
N ARG A 487 -2.14 6.17 46.75
CA ARG A 487 -3.54 5.89 47.00
C ARG A 487 -4.34 6.13 45.74
N LEU A 488 -4.24 7.36 45.15
CA LEU A 488 -4.91 7.76 43.92
C LEU A 488 -4.69 6.77 42.76
N GLY A 489 -3.46 6.26 42.66
CA GLY A 489 -3.07 5.29 41.63
C GLY A 489 -3.68 3.90 41.81
N ASP A 490 -4.03 3.53 43.05
CA ASP A 490 -4.62 2.22 43.35
C ASP A 490 -6.14 2.23 43.15
N GLU A 491 -6.71 3.45 42.98
CA GLU A 491 -8.11 3.73 42.67
C GLU A 491 -8.42 3.33 41.20
N TYR A 492 -7.36 2.95 40.42
CA TYR A 492 -7.38 2.55 39.01
C TYR A 492 -6.74 1.19 38.77
N ASN A 493 -6.94 0.65 37.56
CA ASN A 493 -6.34 -0.59 37.12
C ASN A 493 -5.03 -0.18 36.45
N SER A 494 -3.88 -0.76 36.89
CA SER A 494 -2.51 -0.50 36.40
C SER A 494 -2.13 0.99 36.18
N ILE A 495 -2.31 1.89 37.16
CA ILE A 495 -1.91 3.29 36.99
C ILE A 495 -0.93 3.74 38.07
N PHE A 496 0.12 4.47 37.67
CA PHE A 496 1.05 5.08 38.62
C PHE A 496 1.10 6.56 38.31
N ILE A 497 1.11 7.39 39.34
CA ILE A 497 1.12 8.83 39.14
C ILE A 497 2.32 9.46 39.84
N SER A 498 2.58 10.74 39.56
CA SER A 498 3.64 11.58 40.10
C SER A 498 3.24 13.04 39.94
N ASN A 499 4.02 13.95 40.55
CA ASN A 499 3.76 15.38 40.51
C ASN A 499 3.80 16.01 39.11
N GLU A 500 4.41 15.32 38.12
CA GLU A 500 4.48 15.85 36.75
C GLU A 500 3.59 15.08 35.77
N SER A 501 3.12 13.87 36.16
CA SER A 501 2.23 12.98 35.37
C SER A 501 1.09 13.69 34.64
N TYR A 502 0.64 14.86 35.15
CA TYR A 502 -0.44 15.62 34.54
C TYR A 502 0.09 16.48 33.40
N THR A 503 1.15 17.28 33.65
CA THR A 503 1.82 18.12 32.63
C THR A 503 2.31 17.25 31.43
N CYS A 504 2.83 16.04 31.73
CA CYS A 504 3.30 15.05 30.75
C CYS A 504 2.17 14.58 29.84
N ALA A 505 1.03 14.10 30.41
CA ALA A 505 -0.14 13.69 29.61
C ALA A 505 -0.74 14.88 28.82
N LEU A 506 -0.47 16.14 29.26
CA LEU A 506 -0.92 17.38 28.62
C LEU A 506 -0.06 17.68 27.41
N LEU A 507 1.26 17.40 27.52
CA LEU A 507 2.20 17.61 26.43
C LEU A 507 1.94 16.52 25.41
N ALA A 508 1.88 15.22 25.84
CA ALA A 508 1.53 14.06 25.00
C ALA A 508 0.33 14.37 24.09
N ALA A 509 -0.76 14.96 24.62
CA ALA A 509 -1.90 15.34 23.80
C ALA A 509 -1.66 16.65 23.03
N GLY A 510 -1.10 17.66 23.70
CA GLY A 510 -0.82 18.96 23.08
C GLY A 510 0.01 18.85 21.82
N SER A 511 1.13 18.08 21.89
CA SER A 511 2.08 17.76 20.83
C SER A 511 1.32 17.19 19.66
N CYS A 512 0.61 16.07 19.87
CA CYS A 512 -0.22 15.40 18.86
C CYS A 512 -1.20 16.34 18.16
N PHE A 513 -1.78 17.33 18.88
CA PHE A 513 -2.66 18.35 18.32
C PHE A 513 -1.88 19.26 17.35
N ASN A 514 -0.69 19.71 17.76
CA ASN A 514 0.17 20.55 16.94
C ASN A 514 0.66 19.87 15.66
N SER A 515 0.78 18.53 15.70
CA SER A 515 1.18 17.70 14.56
C SER A 515 0.02 17.72 13.57
N ALA A 516 -1.18 17.25 14.00
CA ALA A 516 -2.44 17.22 13.24
C ALA A 516 -2.78 18.60 12.64
N GLN A 517 -2.39 19.69 13.32
CA GLN A 517 -2.60 21.05 12.83
C GLN A 517 -1.69 21.27 11.65
N ALA A 518 -0.38 20.96 11.80
CA ALA A 518 0.65 21.09 10.75
C ALA A 518 0.21 20.31 9.50
N ILE A 519 -0.20 19.04 9.68
CA ILE A 519 -0.65 18.13 8.63
C ILE A 519 -1.84 18.74 7.86
N LEU A 520 -2.93 19.06 8.57
CA LEU A 520 -4.17 19.59 7.97
C LEU A 520 -4.02 20.97 7.33
N THR A 521 -3.10 21.83 7.82
CA THR A 521 -2.86 23.15 7.22
C THR A 521 -1.78 23.04 6.13
N GLY A 522 -1.39 21.81 5.81
CA GLY A 522 -0.39 21.50 4.78
C GLY A 522 1.05 21.91 5.07
N GLN A 523 1.35 22.32 6.33
CA GLN A 523 2.68 22.69 6.83
C GLN A 523 3.62 21.46 6.76
N VAL A 524 3.06 20.22 6.91
CA VAL A 524 3.71 18.91 6.72
C VAL A 524 2.70 17.99 6.02
N ARG A 525 3.12 16.84 5.51
CA ARG A 525 2.14 15.91 4.91
C ARG A 525 1.81 14.80 5.90
N ASN A 526 2.83 14.37 6.63
CA ASN A 526 2.73 13.36 7.66
C ASN A 526 3.65 13.71 8.78
N ALA A 527 3.45 13.12 9.96
CA ALA A 527 4.28 13.39 11.13
C ALA A 527 4.35 12.21 12.06
N VAL A 528 5.31 12.27 12.98
CA VAL A 528 5.57 11.26 14.01
C VAL A 528 5.57 11.97 15.38
N ALA A 529 5.01 11.32 16.40
CA ALA A 529 4.88 11.84 17.77
C ALA A 529 5.50 10.91 18.85
N ILE A 530 6.74 11.25 19.29
CA ILE A 530 7.45 10.49 20.33
C ILE A 530 6.98 11.13 21.64
N VAL A 531 5.94 10.50 22.21
CA VAL A 531 5.19 10.98 23.36
C VAL A 531 4.91 9.86 24.38
N ARG A 532 4.84 10.26 25.66
CA ARG A 532 4.50 9.46 26.82
C ARG A 532 3.94 10.44 27.89
N PRO A 533 2.98 10.02 28.76
CA PRO A 533 2.38 8.67 28.89
C PRO A 533 1.42 8.31 27.77
N PRO A 534 1.19 6.99 27.50
CA PRO A 534 0.23 6.58 26.44
C PRO A 534 -1.25 6.99 26.67
N GLY A 535 -2.16 6.60 25.76
CA GLY A 535 -3.55 7.02 25.90
C GLY A 535 -4.70 6.11 25.56
N HIS A 536 -4.49 5.08 24.69
CA HIS A 536 -5.57 4.23 24.18
C HIS A 536 -6.43 3.42 25.25
N HIS A 537 -5.99 3.37 26.54
CA HIS A 537 -6.72 2.68 27.61
C HIS A 537 -7.62 3.63 28.39
N ALA A 538 -7.22 4.93 28.47
CA ALA A 538 -7.95 5.99 29.15
C ALA A 538 -9.37 6.18 28.57
N GLU A 539 -10.39 6.23 29.47
CA GLU A 539 -11.83 6.37 29.17
C GLU A 539 -12.35 7.76 29.53
N LYS A 540 -13.59 8.08 29.11
CA LYS A 540 -14.22 9.38 29.37
C LYS A 540 -14.02 9.87 30.81
N ASP A 541 -14.26 8.98 31.81
CA ASP A 541 -14.15 9.35 33.23
C ASP A 541 -13.10 8.55 34.07
N THR A 542 -12.28 7.67 33.45
CA THR A 542 -11.26 6.93 34.24
C THR A 542 -9.90 6.74 33.49
N ALA A 543 -8.78 6.74 34.26
CA ALA A 543 -7.45 6.45 33.77
C ALA A 543 -7.32 4.91 33.88
N CYS A 544 -6.51 4.28 33.04
CA CYS A 544 -6.33 2.84 33.04
C CYS A 544 -5.04 2.52 32.28
N GLY A 545 -4.46 1.33 32.48
CA GLY A 545 -3.25 0.83 31.82
C GLY A 545 -2.17 1.82 31.39
N PHE A 546 -1.73 2.72 32.32
CA PHE A 546 -0.67 3.74 32.21
C PHE A 546 -1.11 5.01 31.48
N CYS A 547 -2.36 5.02 31.01
CA CYS A 547 -2.99 6.07 30.20
C CYS A 547 -3.84 7.01 31.05
N PHE A 548 -3.73 8.33 30.80
CA PHE A 548 -4.50 9.33 31.52
C PHE A 548 -5.59 9.96 30.65
N PHE A 549 -5.20 10.40 29.45
CA PHE A 549 -6.09 11.00 28.47
C PHE A 549 -5.95 10.20 27.19
N ASN A 550 -7.05 10.04 26.42
CA ASN A 550 -6.96 9.29 25.17
C ASN A 550 -6.43 10.25 24.14
N THR A 551 -5.08 10.27 24.02
CA THR A 551 -4.31 11.19 23.21
C THR A 551 -4.69 11.04 21.73
N ALA A 552 -4.93 9.80 21.26
CA ALA A 552 -5.36 9.55 19.89
C ALA A 552 -6.80 10.08 19.63
N ALA A 553 -7.74 9.74 20.53
CA ALA A 553 -9.15 10.17 20.46
C ALA A 553 -9.33 11.67 20.54
N LEU A 554 -8.53 12.37 21.38
CA LEU A 554 -8.61 13.81 21.53
C LEU A 554 -8.08 14.49 20.29
N THR A 555 -7.05 13.87 19.65
CA THR A 555 -6.41 14.40 18.44
C THR A 555 -7.46 14.42 17.33
N ALA A 556 -8.20 13.29 17.17
CA ALA A 556 -9.30 13.10 16.22
C ALA A 556 -10.32 14.25 16.37
N ARG A 557 -10.76 14.57 17.61
CA ARG A 557 -11.71 15.67 17.86
C ARG A 557 -11.05 17.05 17.77
N TYR A 558 -9.72 17.15 17.98
CA TYR A 558 -9.11 18.46 17.82
C TYR A 558 -9.10 18.76 16.32
N ALA A 559 -8.89 17.68 15.51
CA ALA A 559 -8.82 17.71 14.04
C ALA A 559 -10.17 18.06 13.50
N GLN A 560 -11.24 17.37 13.99
CA GLN A 560 -12.62 17.64 13.63
C GLN A 560 -12.95 19.11 14.00
N SER A 561 -12.39 19.63 15.12
CA SER A 561 -12.58 21.02 15.58
C SER A 561 -12.00 22.07 14.61
N ILE A 562 -10.73 21.91 14.15
CA ILE A 562 -10.04 22.87 13.27
C ILE A 562 -10.46 22.75 11.78
N THR A 563 -11.19 21.68 11.43
CA THR A 563 -11.71 21.48 10.08
C THR A 563 -13.24 21.67 10.11
N ARG A 564 -13.97 20.56 10.09
CA ARG A 564 -15.41 20.46 10.14
C ARG A 564 -15.78 19.18 10.89
N GLU A 565 -16.80 19.28 11.77
CA GLU A 565 -17.29 18.21 12.65
C GLU A 565 -17.39 16.82 12.01
N SER A 566 -17.60 16.80 10.68
CA SER A 566 -17.79 15.59 9.89
C SER A 566 -16.49 14.92 9.38
N LEU A 567 -15.30 15.59 9.54
CA LEU A 567 -14.00 15.08 9.07
C LEU A 567 -13.76 13.60 9.43
N ARG A 568 -13.76 12.74 8.42
CA ARG A 568 -13.55 11.31 8.63
C ARG A 568 -12.13 11.01 9.14
N VAL A 569 -12.02 10.38 10.36
CA VAL A 569 -10.71 10.04 10.95
C VAL A 569 -10.60 8.53 11.18
N LEU A 570 -9.52 7.92 10.69
CA LEU A 570 -9.26 6.50 10.88
C LEU A 570 -8.23 6.39 11.99
N ILE A 571 -8.50 5.49 12.96
CA ILE A 571 -7.62 5.21 14.09
C ILE A 571 -7.24 3.71 14.07
N VAL A 572 -6.01 3.44 13.54
CA VAL A 572 -5.43 2.10 13.48
C VAL A 572 -4.58 1.94 14.74
N ASP A 573 -4.91 0.91 15.56
CA ASP A 573 -4.24 0.59 16.83
C ASP A 573 -3.48 -0.72 16.62
N TRP A 574 -2.13 -0.67 16.47
CA TRP A 574 -1.37 -1.91 16.24
C TRP A 574 -0.65 -2.40 17.51
N ASP A 575 -0.81 -1.63 18.63
CA ASP A 575 -0.38 -1.96 19.98
C ASP A 575 -0.96 -3.39 20.29
N VAL A 576 -0.21 -4.28 21.03
CA VAL A 576 -0.66 -5.67 21.29
C VAL A 576 -1.96 -5.73 22.18
N HIS A 577 -2.30 -4.64 22.86
CA HIS A 577 -3.51 -4.63 23.66
C HIS A 577 -4.60 -3.87 22.93
N HIS A 578 -5.85 -4.28 23.15
CA HIS A 578 -6.98 -3.59 22.57
C HIS A 578 -7.19 -2.27 23.32
N GLY A 579 -7.42 -1.22 22.55
CA GLY A 579 -7.66 0.13 23.05
C GLY A 579 -9.12 0.26 23.41
N ASN A 580 -9.46 -0.21 24.62
CA ASN A 580 -10.79 -0.14 25.20
C ASN A 580 -11.27 1.33 25.26
N GLY A 581 -10.40 2.24 25.69
CA GLY A 581 -10.70 3.65 25.81
C GLY A 581 -11.18 4.26 24.52
N THR A 582 -10.45 3.98 23.40
CA THR A 582 -10.77 4.47 22.06
C THR A 582 -12.13 3.89 21.64
N GLN A 583 -12.22 2.53 21.51
CA GLN A 583 -13.42 1.76 21.15
C GLN A 583 -14.70 2.37 21.68
N HIS A 584 -14.78 2.63 23.00
CA HIS A 584 -15.95 3.21 23.66
C HIS A 584 -16.21 4.69 23.30
N ILE A 585 -15.17 5.54 23.21
CA ILE A 585 -15.37 6.97 22.87
C ILE A 585 -16.08 7.18 21.50
N PHE A 586 -15.79 6.29 20.53
CA PHE A 586 -16.33 6.39 19.17
C PHE A 586 -17.24 5.20 18.80
N GLU A 587 -17.78 4.45 19.80
CA GLU A 587 -18.65 3.27 19.59
C GLU A 587 -19.93 3.59 18.84
N GLU A 588 -20.43 4.82 19.02
CA GLU A 588 -21.63 5.34 18.37
C GLU A 588 -21.30 6.27 17.19
N ASP A 589 -20.04 6.81 17.14
CA ASP A 589 -19.55 7.72 16.09
C ASP A 589 -19.20 7.03 14.78
N ASP A 590 -19.85 7.50 13.69
CA ASP A 590 -19.69 7.01 12.32
C ASP A 590 -18.63 7.82 11.56
N SER A 591 -18.27 9.04 12.07
CA SER A 591 -17.26 9.93 11.50
C SER A 591 -15.82 9.42 11.81
N VAL A 592 -15.66 8.71 12.95
CA VAL A 592 -14.38 8.11 13.30
C VAL A 592 -14.43 6.57 13.14
N LEU A 593 -13.48 5.99 12.39
CA LEU A 593 -13.39 4.52 12.21
C LEU A 593 -12.25 4.04 13.10
N TYR A 594 -12.48 2.99 13.91
CA TYR A 594 -11.45 2.42 14.80
C TYR A 594 -11.19 0.99 14.43
N ILE A 595 -9.92 0.69 14.11
CA ILE A 595 -9.45 -0.66 13.79
C ILE A 595 -8.38 -1.01 14.83
N SER A 596 -8.46 -2.23 15.43
CA SER A 596 -7.53 -2.67 16.46
C SER A 596 -7.07 -4.10 16.28
N LEU A 597 -5.74 -4.30 16.28
CA LEU A 597 -5.10 -5.62 16.21
C LEU A 597 -4.53 -5.88 17.61
N HIS A 598 -4.98 -6.95 18.26
CA HIS A 598 -4.64 -7.23 19.65
C HIS A 598 -4.67 -8.68 20.02
N ARG A 599 -3.86 -9.03 21.04
CA ARG A 599 -3.88 -10.34 21.65
C ARG A 599 -5.14 -10.30 22.57
N TYR A 600 -6.07 -11.22 22.30
CA TYR A 600 -7.35 -11.34 23.02
C TYR A 600 -7.29 -12.49 24.00
N GLU A 601 -6.78 -13.65 23.53
CA GLU A 601 -6.62 -14.89 24.28
C GLU A 601 -7.94 -15.27 25.00
N ASP A 602 -9.06 -15.12 24.25
CA ASP A 602 -10.46 -15.37 24.61
C ASP A 602 -10.91 -14.57 25.84
N GLY A 603 -10.31 -13.41 26.06
CA GLY A 603 -10.65 -12.51 27.15
C GLY A 603 -9.61 -12.45 28.25
N ALA A 604 -8.64 -13.41 28.23
CA ALA A 604 -7.56 -13.53 29.23
C ALA A 604 -6.61 -12.32 29.27
N PHE A 605 -6.06 -11.90 28.10
CA PHE A 605 -5.12 -10.78 27.96
C PHE A 605 -5.77 -9.42 28.29
N PHE A 606 -4.98 -8.49 28.91
CA PHE A 606 -5.38 -7.14 29.34
C PHE A 606 -6.09 -6.31 28.21
N PRO A 607 -7.14 -5.49 28.51
CA PRO A 607 -7.80 -5.19 29.80
C PRO A 607 -8.91 -6.19 30.22
N ASN A 608 -8.73 -7.47 29.78
CA ASN A 608 -9.51 -8.69 30.05
C ASN A 608 -11.01 -8.66 29.63
N SER A 609 -11.45 -7.63 28.85
CA SER A 609 -12.83 -7.49 28.38
C SER A 609 -13.13 -8.22 27.06
N GLU A 610 -14.41 -8.61 26.89
CA GLU A 610 -14.95 -9.29 25.72
C GLU A 610 -15.32 -8.26 24.63
N ASP A 611 -15.13 -6.94 24.94
CA ASP A 611 -15.32 -5.79 24.05
C ASP A 611 -14.34 -5.90 22.85
N ALA A 612 -13.16 -6.45 23.11
CA ALA A 612 -12.08 -6.65 22.14
C ALA A 612 -12.39 -7.77 21.11
N ASN A 613 -13.61 -8.31 21.10
CA ASN A 613 -13.90 -9.41 20.18
C ASN A 613 -14.48 -8.93 18.85
N TYR A 614 -14.33 -9.79 17.80
CA TYR A 614 -14.78 -9.55 16.44
C TYR A 614 -16.28 -9.30 16.33
N ASP A 615 -17.08 -9.87 17.25
CA ASP A 615 -18.53 -9.68 17.27
C ASP A 615 -18.92 -8.25 17.74
N LYS A 616 -17.97 -7.43 18.24
CA LYS A 616 -18.27 -6.03 18.59
C LYS A 616 -17.90 -5.22 17.35
N VAL A 617 -18.94 -4.71 16.64
CA VAL A 617 -18.86 -3.96 15.38
C VAL A 617 -19.33 -2.51 15.56
N GLY A 618 -19.32 -2.01 16.79
CA GLY A 618 -19.79 -0.67 17.06
C GLY A 618 -21.30 -0.70 17.27
N LEU A 619 -21.84 0.30 17.97
CA LEU A 619 -23.28 0.24 18.22
C LEU A 619 -24.00 1.57 17.93
N GLY A 620 -25.22 1.44 17.43
CA GLY A 620 -26.09 2.55 17.06
C GLY A 620 -25.80 3.00 15.64
N LYS A 621 -25.71 4.34 15.45
CA LYS A 621 -25.38 4.95 14.16
C LYS A 621 -23.91 4.65 13.73
N GLY A 622 -23.11 4.08 14.65
CA GLY A 622 -21.73 3.69 14.46
C GLY A 622 -21.51 2.22 14.19
N ARG A 623 -22.58 1.51 13.77
CA ARG A 623 -22.57 0.08 13.42
C ARG A 623 -21.81 -0.19 12.11
N GLY A 624 -20.67 -0.85 12.24
CA GLY A 624 -19.74 -1.17 11.15
C GLY A 624 -18.47 -0.35 11.22
N TYR A 625 -18.51 0.81 11.96
CA TYR A 625 -17.42 1.76 12.14
C TYR A 625 -16.49 1.44 13.33
N ASN A 626 -16.37 0.15 13.67
CA ASN A 626 -15.51 -0.35 14.74
C ASN A 626 -15.11 -1.76 14.40
N VAL A 627 -13.81 -1.96 14.17
CA VAL A 627 -13.25 -3.25 13.79
C VAL A 627 -12.25 -3.69 14.86
N ASN A 628 -12.30 -4.99 15.24
CA ASN A 628 -11.41 -5.65 16.19
C ASN A 628 -10.94 -6.91 15.53
N ILE A 629 -9.61 -7.08 15.46
CA ILE A 629 -8.98 -8.28 14.90
C ILE A 629 -8.34 -8.97 16.12
N PRO A 630 -9.06 -9.94 16.78
CA PRO A 630 -8.53 -10.55 18.02
C PRO A 630 -7.65 -11.77 17.79
N TRP A 631 -6.49 -11.78 18.47
CA TRP A 631 -5.48 -12.84 18.40
C TRP A 631 -5.59 -13.84 19.56
N ASN A 632 -5.75 -15.10 19.18
CA ASN A 632 -5.90 -16.20 20.10
C ASN A 632 -4.94 -17.32 19.72
N GLY A 633 -4.30 -17.88 20.73
CA GLY A 633 -3.39 -19.02 20.68
C GLY A 633 -2.20 -19.02 19.74
N GLY A 634 -1.17 -18.24 20.10
CA GLY A 634 0.06 -18.21 19.32
C GLY A 634 0.83 -16.92 19.44
N LYS A 635 2.12 -16.95 19.00
CA LYS A 635 2.98 -15.78 18.97
C LYS A 635 2.82 -15.17 17.58
N MET A 636 1.95 -14.16 17.50
CA MET A 636 1.65 -13.54 16.23
C MET A 636 2.75 -12.56 15.82
N GLY A 637 3.17 -12.70 14.56
CA GLY A 637 4.20 -11.88 13.96
C GLY A 637 3.78 -11.19 12.67
N ASP A 638 4.78 -10.88 11.85
CA ASP A 638 4.62 -10.25 10.55
C ASP A 638 3.66 -11.03 9.65
N PRO A 639 3.80 -12.39 9.46
CA PRO A 639 2.88 -13.11 8.57
C PRO A 639 1.40 -12.85 8.83
N GLU A 640 1.03 -12.80 10.12
CA GLU A 640 -0.33 -12.61 10.60
C GLU A 640 -0.75 -11.12 10.60
N TYR A 641 0.15 -10.21 11.00
CA TYR A 641 -0.16 -8.76 11.01
C TYR A 641 -0.29 -8.17 9.57
N MET A 642 0.45 -8.75 8.59
CA MET A 642 0.44 -8.34 7.20
C MET A 642 -0.84 -8.80 6.55
N ALA A 643 -1.16 -10.11 6.67
CA ALA A 643 -2.39 -10.67 6.11
C ALA A 643 -3.63 -9.95 6.63
N ALA A 644 -3.62 -9.50 7.91
CA ALA A 644 -4.71 -8.72 8.50
C ALA A 644 -4.83 -7.38 7.75
N PHE A 645 -3.70 -6.77 7.37
CA PHE A 645 -3.71 -5.52 6.63
C PHE A 645 -4.24 -5.70 5.21
N HIS A 646 -3.77 -6.71 4.44
CA HIS A 646 -4.22 -6.99 3.06
C HIS A 646 -5.70 -7.26 2.94
N HIS A 647 -6.24 -8.16 3.78
CA HIS A 647 -7.61 -8.61 3.75
C HIS A 647 -8.56 -7.81 4.58
N LEU A 648 -8.09 -7.13 5.63
CA LEU A 648 -9.05 -6.47 6.49
C LEU A 648 -8.82 -4.97 6.73
N VAL A 649 -7.66 -4.59 7.30
CA VAL A 649 -7.35 -3.19 7.66
C VAL A 649 -7.45 -2.27 6.46
N MET A 650 -6.70 -2.58 5.39
CA MET A 650 -6.66 -1.76 4.20
C MET A 650 -8.00 -1.72 3.46
N PRO A 651 -8.70 -2.84 3.17
CA PRO A 651 -10.00 -2.72 2.46
C PRO A 651 -11.05 -1.85 3.18
N ILE A 652 -11.15 -1.99 4.50
CA ILE A 652 -12.11 -1.22 5.31
C ILE A 652 -11.74 0.26 5.31
N ALA A 653 -10.45 0.54 5.53
CA ALA A 653 -9.90 1.89 5.57
C ALA A 653 -10.20 2.67 4.30
N ARG A 654 -9.93 2.02 3.15
CA ARG A 654 -10.12 2.51 1.78
C ARG A 654 -11.61 2.86 1.51
N GLU A 655 -12.55 1.92 1.83
CA GLU A 655 -14.01 2.11 1.68
C GLU A 655 -14.51 3.23 2.59
N PHE A 656 -13.93 3.38 3.78
CA PHE A 656 -14.34 4.45 4.68
C PHE A 656 -13.93 5.82 4.16
N ALA A 657 -12.78 5.90 3.43
CA ALA A 657 -12.13 7.10 2.87
C ALA A 657 -11.80 8.15 3.96
N PRO A 658 -10.71 7.93 4.75
CA PRO A 658 -10.38 8.90 5.82
C PRO A 658 -9.76 10.15 5.27
N GLU A 659 -9.82 11.25 6.02
CA GLU A 659 -9.17 12.49 5.60
C GLU A 659 -7.93 12.71 6.43
N LEU A 660 -7.81 11.91 7.50
CA LEU A 660 -6.70 11.86 8.45
C LEU A 660 -6.62 10.44 8.99
N VAL A 661 -5.39 9.89 9.01
CA VAL A 661 -5.12 8.57 9.55
C VAL A 661 -4.26 8.75 10.79
N LEU A 662 -4.71 8.16 11.92
CA LEU A 662 -3.99 8.18 13.20
C LEU A 662 -3.59 6.79 13.63
N VAL A 663 -2.30 6.62 13.94
CA VAL A 663 -1.81 5.34 14.38
C VAL A 663 -1.60 5.35 15.89
N SER A 664 -2.19 4.36 16.57
CA SER A 664 -1.98 4.08 17.99
C SER A 664 -0.87 3.02 17.93
N ALA A 665 0.35 3.55 17.73
CA ALA A 665 1.60 2.84 17.57
C ALA A 665 2.24 2.36 18.90
N GLY A 666 1.97 1.10 19.17
CA GLY A 666 2.50 0.37 20.30
C GLY A 666 3.40 -0.68 19.72
N PHE A 667 4.64 -0.70 20.18
CA PHE A 667 5.60 -1.68 19.70
C PHE A 667 5.76 -2.80 20.73
N ASP A 668 4.73 -2.92 21.60
CA ASP A 668 4.61 -3.95 22.60
C ASP A 668 4.19 -5.24 21.90
N ALA A 669 3.83 -5.14 20.61
CA ALA A 669 3.48 -6.28 19.78
C ALA A 669 4.75 -6.81 19.09
N ALA A 670 5.91 -6.16 19.33
CA ALA A 670 7.18 -6.51 18.71
C ALA A 670 7.93 -7.64 19.34
N ARG A 671 8.79 -8.27 18.52
CA ARG A 671 9.74 -9.31 18.86
C ARG A 671 10.69 -8.70 19.90
N GLY A 672 10.73 -9.32 21.06
CA GLY A 672 11.54 -8.88 22.18
C GLY A 672 10.76 -8.11 23.23
N ASP A 673 9.43 -8.06 23.12
CA ASP A 673 8.72 -7.31 24.15
C ASP A 673 8.46 -8.15 25.40
N PRO A 674 8.73 -7.58 26.60
CA PRO A 674 8.45 -8.34 27.84
C PRO A 674 6.97 -8.66 28.08
N LEU A 675 6.05 -7.76 27.66
CA LEU A 675 4.61 -7.84 27.86
C LEU A 675 3.76 -8.35 26.67
N GLY A 676 4.30 -8.27 25.47
CA GLY A 676 3.55 -8.67 24.29
C GLY A 676 3.56 -10.15 24.00
N GLY A 677 4.74 -10.71 23.94
CA GLY A 677 4.93 -12.12 23.64
C GLY A 677 4.69 -12.48 22.19
N PHE A 678 4.73 -11.44 21.32
CA PHE A 678 4.54 -11.53 19.87
C PHE A 678 5.85 -11.23 19.16
N GLN A 679 6.00 -11.75 17.94
CA GLN A 679 7.26 -11.61 17.20
C GLN A 679 7.18 -10.66 15.94
N VAL A 680 6.71 -9.40 16.14
CA VAL A 680 6.64 -8.45 15.00
C VAL A 680 7.95 -7.66 14.88
N THR A 681 8.70 -7.97 13.80
CA THR A 681 9.99 -7.39 13.47
C THR A 681 9.91 -5.89 13.17
N PRO A 682 11.00 -5.09 13.29
CA PRO A 682 10.93 -3.65 12.93
C PRO A 682 10.60 -3.42 11.44
N GLU A 683 11.04 -4.36 10.59
CA GLU A 683 10.78 -4.38 9.14
C GLU A 683 9.29 -4.58 8.86
N GLY A 684 8.60 -5.27 9.75
CA GLY A 684 7.16 -5.50 9.69
C GLY A 684 6.39 -4.23 9.98
N TYR A 685 6.78 -3.47 11.02
CA TYR A 685 6.16 -2.18 11.33
C TYR A 685 6.38 -1.18 10.20
N ALA A 686 7.53 -1.29 9.50
CA ALA A 686 7.84 -0.43 8.36
C ALA A 686 6.79 -0.64 7.26
N HIS A 687 6.54 -1.91 6.87
CA HIS A 687 5.56 -2.30 5.87
C HIS A 687 4.12 -1.97 6.26
N LEU A 688 3.81 -1.91 7.58
CA LEU A 688 2.46 -1.55 8.03
C LEU A 688 2.29 -0.06 7.85
N THR A 689 3.31 0.76 8.19
CA THR A 689 3.31 2.22 7.98
C THR A 689 3.20 2.51 6.48
N HIS A 690 3.96 1.77 5.67
CA HIS A 690 3.95 1.90 4.23
C HIS A 690 2.55 1.72 3.66
N GLN A 691 1.88 0.61 4.04
CA GLN A 691 0.52 0.30 3.57
C GLN A 691 -0.41 1.50 3.83
N LEU A 692 -0.43 2.01 5.08
CA LEU A 692 -1.24 3.14 5.54
C LEU A 692 -1.00 4.47 4.82
N MET A 693 0.16 4.65 4.19
CA MET A 693 0.53 5.90 3.53
C MET A 693 -0.24 6.24 2.22
N SER A 694 -0.97 5.27 1.62
CA SER A 694 -1.79 5.48 0.40
C SER A 694 -3.18 6.08 0.72
N LEU A 695 -3.56 6.08 2.01
CA LEU A 695 -4.82 6.63 2.52
C LEU A 695 -4.64 8.09 2.90
N ALA A 696 -5.75 8.84 3.00
CA ALA A 696 -5.85 10.24 3.45
C ALA A 696 -4.87 11.18 2.77
N ALA A 697 -4.57 10.92 1.46
CA ALA A 697 -3.60 11.66 0.68
C ALA A 697 -2.23 11.68 1.42
N GLY A 698 -1.93 10.56 2.08
CA GLY A 698 -0.73 10.39 2.90
C GLY A 698 -0.73 11.18 4.18
N ARG A 699 -1.91 11.55 4.69
CA ARG A 699 -1.99 12.32 5.93
C ARG A 699 -2.05 11.38 7.12
N VAL A 700 -0.84 10.89 7.50
CA VAL A 700 -0.65 9.90 8.55
C VAL A 700 0.10 10.51 9.72
N LEU A 701 -0.48 10.43 10.92
CA LEU A 701 0.18 10.84 12.16
C LEU A 701 0.42 9.58 12.99
N ILE A 702 1.68 9.37 13.41
CA ILE A 702 2.08 8.18 14.20
C ILE A 702 2.28 8.56 15.66
N ILE A 703 1.47 7.95 16.57
CA ILE A 703 1.49 8.24 18.00
C ILE A 703 1.89 7.03 18.81
N LEU A 704 2.96 7.19 19.61
CA LEU A 704 3.49 6.17 20.49
C LEU A 704 2.52 5.88 21.65
N GLU A 705 2.15 4.60 21.78
CA GLU A 705 1.33 4.11 22.88
C GLU A 705 2.22 3.14 23.71
N GLY A 706 2.09 1.82 23.48
CA GLY A 706 2.89 0.79 24.13
C GLY A 706 4.26 0.59 23.51
N GLY A 707 4.92 -0.47 23.93
CA GLY A 707 6.27 -0.82 23.51
C GLY A 707 7.15 -0.69 24.73
N TYR A 708 7.70 -1.82 25.22
CA TYR A 708 8.43 -1.74 26.49
C TYR A 708 9.91 -2.19 26.44
N ASN A 709 10.39 -2.78 25.32
CA ASN A 709 11.81 -3.12 25.15
C ASN A 709 12.50 -1.95 24.42
N LEU A 710 13.20 -1.09 25.20
CA LEU A 710 13.91 0.11 24.74
C LEU A 710 14.60 0.00 23.37
N THR A 711 15.21 -1.16 23.11
CA THR A 711 15.89 -1.41 21.85
C THR A 711 14.86 -1.61 20.73
N SER A 712 13.91 -2.57 20.95
CA SER A 712 12.84 -2.95 20.03
C SER A 712 11.95 -1.78 19.62
N ILE A 713 11.72 -0.82 20.54
CA ILE A 713 10.87 0.31 20.23
C ILE A 713 11.61 1.34 19.39
N SER A 714 12.86 1.64 19.76
CA SER A 714 13.70 2.60 19.04
C SER A 714 13.88 2.15 17.60
N GLU A 715 14.09 0.85 17.39
CA GLU A 715 14.29 0.32 16.05
C GLU A 715 13.02 0.33 15.20
N SER A 716 11.92 -0.26 15.76
CA SER A 716 10.61 -0.34 15.13
C SER A 716 10.01 1.04 14.83
N MET A 717 10.14 2.03 15.74
CA MET A 717 9.56 3.34 15.43
C MET A 717 10.36 4.13 14.43
N SER A 718 11.67 3.94 14.40
CA SER A 718 12.53 4.62 13.43
C SER A 718 12.17 4.14 12.04
N MET A 719 11.89 2.82 11.90
CA MET A 719 11.42 2.17 10.66
C MET A 719 10.15 2.85 10.12
N CYS A 720 9.22 3.23 11.01
CA CYS A 720 8.02 3.94 10.65
C CYS A 720 8.39 5.32 10.10
N THR A 721 9.21 6.08 10.81
CA THR A 721 9.62 7.39 10.32
C THR A 721 10.38 7.31 8.99
N SER A 722 11.19 6.25 8.81
CA SER A 722 11.91 6.04 7.57
C SER A 722 10.91 5.96 6.38
N MET A 723 9.80 5.25 6.60
CA MET A 723 8.72 5.07 5.63
C MET A 723 7.98 6.38 5.36
N LEU A 724 7.72 7.16 6.42
CA LEU A 724 7.09 8.45 6.31
C LEU A 724 7.90 9.40 5.44
N LEU A 725 9.24 9.33 5.53
CA LEU A 725 10.20 10.13 4.76
C LEU A 725 10.40 9.60 3.31
N GLY A 726 9.68 8.55 2.96
CA GLY A 726 9.72 7.95 1.63
C GLY A 726 10.86 7.02 1.26
N ASP A 727 11.56 6.46 2.27
CA ASP A 727 12.63 5.49 2.08
C ASP A 727 12.01 4.16 1.63
N SER A 728 12.74 3.36 0.82
CA SER A 728 12.21 2.10 0.26
C SER A 728 11.81 1.11 1.34
N PRO A 729 10.68 0.38 1.20
CA PRO A 729 10.29 -0.60 2.24
C PRO A 729 11.36 -1.68 2.39
N PRO A 730 11.67 -2.07 3.65
CA PRO A 730 12.75 -3.04 3.89
C PRO A 730 12.45 -4.46 3.45
N SER A 731 13.49 -5.30 3.49
CA SER A 731 13.37 -6.72 3.17
C SER A 731 12.63 -7.44 4.28
N LEU A 732 11.78 -8.37 3.92
CA LEU A 732 11.05 -9.13 4.93
C LEU A 732 11.43 -10.60 4.94
N ASP A 733 10.97 -11.27 6.01
CA ASP A 733 11.11 -12.70 6.28
C ASP A 733 10.05 -13.48 5.46
N HIS A 734 9.67 -14.68 5.90
CA HIS A 734 8.65 -15.44 5.20
C HIS A 734 7.32 -15.08 5.82
N LEU A 735 6.32 -14.79 4.98
CA LEU A 735 4.99 -14.33 5.40
C LEU A 735 3.88 -15.40 5.31
N THR A 736 4.22 -16.53 4.70
CA THR A 736 3.42 -17.75 4.62
C THR A 736 4.35 -18.85 5.19
N PRO A 737 3.86 -19.69 6.11
CA PRO A 737 2.49 -19.80 6.58
C PRO A 737 2.19 -18.99 7.82
N LEU A 738 0.92 -18.92 8.15
CA LEU A 738 0.47 -18.21 9.32
C LEU A 738 -0.34 -19.12 10.24
N LYS A 739 -0.26 -18.84 11.56
CA LYS A 739 -0.90 -19.54 12.66
C LYS A 739 -2.36 -19.85 12.33
N THR A 740 -2.77 -21.13 12.47
CA THR A 740 -4.13 -21.58 12.15
C THR A 740 -5.15 -20.87 13.05
N SER A 741 -4.68 -20.42 14.21
CA SER A 741 -5.44 -19.68 15.20
C SER A 741 -5.71 -18.23 14.76
N ALA A 742 -4.92 -17.76 13.76
CA ALA A 742 -4.99 -16.42 13.13
C ALA A 742 -5.90 -16.47 11.89
N THR A 743 -5.70 -17.45 10.97
CA THR A 743 -6.50 -17.73 9.77
C THR A 743 -8.02 -17.72 10.15
N VAL A 744 -8.34 -18.35 11.28
CA VAL A 744 -9.68 -18.45 11.85
C VAL A 744 -10.11 -17.10 12.46
N SER A 745 -9.17 -16.38 13.14
CA SER A 745 -9.40 -15.07 13.76
C SER A 745 -9.76 -14.04 12.68
N ILE A 746 -9.09 -14.11 11.50
CA ILE A 746 -9.27 -13.24 10.32
C ILE A 746 -10.67 -13.44 9.73
N ASN A 747 -10.97 -14.68 9.26
CA ASN A 747 -12.26 -15.06 8.67
C ASN A 747 -13.44 -14.72 9.56
N ASN A 748 -13.20 -14.53 10.86
CA ASN A 748 -14.24 -14.14 11.78
C ASN A 748 -14.60 -12.67 11.61
N VAL A 749 -13.58 -11.80 11.46
CA VAL A 749 -13.77 -10.36 11.21
C VAL A 749 -14.47 -10.12 9.83
N LEU A 750 -14.00 -10.88 8.78
CA LEU A 750 -14.55 -10.87 7.41
C LEU A 750 -16.06 -11.09 7.44
N ARG A 751 -16.51 -12.15 8.13
CA ARG A 751 -17.93 -12.49 8.27
C ARG A 751 -18.69 -11.45 9.09
N ALA A 752 -18.05 -10.90 10.15
CA ALA A 752 -18.63 -9.92 11.05
C ALA A 752 -18.88 -8.58 10.40
N HIS A 753 -17.97 -8.19 9.49
CA HIS A 753 -17.98 -6.87 8.88
C HIS A 753 -18.47 -6.81 7.42
N ALA A 754 -18.43 -7.95 6.64
CA ALA A 754 -18.91 -8.06 5.25
C ALA A 754 -20.30 -7.38 5.02
N PRO A 755 -21.34 -7.48 5.91
CA PRO A 755 -22.57 -6.71 5.66
C PRO A 755 -22.39 -5.17 5.54
N PHE A 756 -21.26 -4.64 6.04
CA PHE A 756 -20.95 -3.21 6.07
C PHE A 756 -19.96 -2.68 5.02
N TRP A 757 -19.00 -3.52 4.55
CA TRP A 757 -17.97 -3.11 3.63
C TRP A 757 -17.83 -4.11 2.50
N SER A 758 -18.22 -3.68 1.31
CA SER A 758 -18.22 -4.46 0.07
C SER A 758 -16.85 -4.99 -0.34
N SER A 759 -15.78 -4.30 0.12
CA SER A 759 -14.37 -4.61 -0.16
C SER A 759 -13.92 -5.94 0.44
N LEU A 760 -14.70 -6.47 1.42
CA LEU A 760 -14.44 -7.73 2.12
C LEU A 760 -14.97 -8.98 1.38
N ARG A 761 -16.14 -8.84 0.77
CA ARG A 761 -16.98 -9.84 0.10
C ARG A 761 -16.27 -10.71 -0.95
N VAL A 762 -15.49 -11.69 -0.46
CA VAL A 762 -14.82 -12.66 -1.31
C VAL A 762 -15.63 -13.97 -1.19
N ASN A 763 -16.77 -14.00 -1.88
CA ASN A 763 -17.62 -15.18 -1.83
C ASN A 763 -17.06 -16.27 -2.75
N ILE A 764 -16.33 -17.20 -2.10
CA ILE A 764 -15.62 -18.35 -2.64
C ILE A 764 -16.29 -19.68 -2.11
N PRO A 765 -16.25 -20.85 -2.84
CA PRO A 765 -16.94 -22.06 -2.34
C PRO A 765 -16.20 -22.83 -1.24
N GLU A 766 -15.92 -24.16 -1.48
CA GLU A 766 -15.26 -25.07 -0.55
C GLU A 766 -14.02 -25.73 -1.13
N SER A 767 -13.11 -24.85 -1.60
CA SER A 767 -11.80 -25.19 -2.15
C SER A 767 -10.91 -25.60 -0.96
N LEU A 768 -11.29 -25.12 0.28
CA LEU A 768 -10.62 -25.39 1.54
C LEU A 768 -10.57 -26.89 1.86
N ARG A 769 -11.70 -27.59 1.58
CA ARG A 769 -11.88 -29.03 1.78
C ARG A 769 -10.87 -29.91 0.99
N LEU A 770 -9.94 -29.28 0.25
CA LEU A 770 -8.92 -29.96 -0.57
C LEU A 770 -7.50 -29.68 -0.03
N SER A 771 -6.65 -30.73 -0.06
CA SER A 771 -5.27 -30.84 0.42
C SER A 771 -5.05 -30.53 1.93
N LEU A 772 -3.93 -31.11 2.49
CA LEU A 772 -3.45 -31.03 3.88
C LEU A 772 -2.04 -31.64 3.98
CL CL B . -18.42 -15.22 -26.52
CL CL C . -9.11 -21.71 6.06
ZN ZN D . -0.04 -2.08 24.87
K K E . -2.96 -2.27 -24.67
K K F . -17.02 4.04 15.04
K K G . -3.76 -6.51 -18.56
K K H . 4.80 -18.28 -14.90
K K I . -4.49 -2.90 19.28
O2 N4R J . 1.20 -6.62 33.56
C12 N4R J . 0.87 -5.44 33.52
N2 N4R J . 1.69 -4.42 33.94
C13 N4R J . 2.88 -4.52 34.70
C18 N4R J . 3.83 -5.52 34.49
C17 N4R J . 5.00 -5.54 35.24
C16 N4R J . 5.23 -4.55 36.20
C15 N4R J . 4.29 -3.56 36.41
C14 N4R J . 3.12 -3.53 35.66
N N4R J . -0.33 -5.05 33.00
C3 N4R J . -1.39 -5.96 32.53
C2 N4R J . -2.05 -6.77 33.66
C1 N4R J . -2.85 -5.93 34.66
C N4R J . -3.83 -6.74 35.53
C4 N4R J . -0.62 -3.61 32.86
C5 N4R J . -0.56 -3.06 31.45
C10 N4R J . -1.29 -1.92 31.11
C9 N4R J . -1.12 -1.31 29.88
C8 N4R J . -0.22 -1.81 28.94
C7 N4R J . 0.48 -2.98 29.27
C6 N4R J . 0.31 -3.58 30.50
C11 N4R J . 0.06 -1.11 27.64
O N4R J . 0.61 -1.69 26.70
N1 N4R J . -0.27 0.18 27.55
O1 N4R J . -0.09 0.85 26.34
#